data_1X2M
#
_entry.id   1X2M
#
_entity_poly.entity_id   1
_entity_poly.type   'polypeptide(L)'
_entity_poly.pdbx_seq_one_letter_code
;GSSGSSGTAQPNAILEKVFTAITKHPDEKRLEGLSKQLDWDVRSIQRWFRQRRNQEKPSGPSSG
;
_entity_poly.pdbx_strand_id   A
#
# COMPACT_ATOMS: atom_id res chain seq x y z
N GLY A 1 4.97 10.27 -10.81
CA GLY A 1 3.79 10.96 -11.27
C GLY A 1 3.15 10.31 -12.48
N SER A 2 2.63 9.10 -12.29
CA SER A 2 2.01 8.35 -13.39
C SER A 2 0.97 9.21 -14.09
N SER A 3 1.28 9.62 -15.32
CA SER A 3 0.38 10.45 -16.11
C SER A 3 -0.25 9.64 -17.24
N GLY A 4 -1.54 9.34 -17.09
CA GLY A 4 -2.24 8.56 -18.09
C GLY A 4 -3.74 8.54 -17.86
N SER A 5 -4.18 7.75 -16.89
CA SER A 5 -5.60 7.63 -16.57
C SER A 5 -5.86 7.97 -15.10
N SER A 6 -6.88 8.78 -14.86
CA SER A 6 -7.24 9.17 -13.50
C SER A 6 -7.37 7.95 -12.59
N GLY A 7 -6.78 8.03 -11.41
CA GLY A 7 -6.84 6.92 -10.47
C GLY A 7 -6.65 7.38 -9.03
N THR A 8 -7.68 7.97 -8.46
CA THR A 8 -7.62 8.45 -7.08
C THR A 8 -8.26 7.45 -6.12
N ALA A 9 -9.32 6.80 -6.58
CA ALA A 9 -10.02 5.81 -5.76
C ALA A 9 -9.62 4.39 -6.15
N GLN A 10 -8.54 4.28 -6.92
CA GLN A 10 -8.06 2.97 -7.35
C GLN A 10 -7.69 2.10 -6.16
N PRO A 11 -7.71 0.77 -6.36
CA PRO A 11 -7.37 -0.20 -5.31
C PRO A 11 -5.88 -0.17 -4.95
N ASN A 12 -5.05 0.09 -5.95
CA ASN A 12 -3.61 0.13 -5.74
C ASN A 12 -3.14 1.56 -5.45
N ALA A 13 -3.50 2.48 -6.34
CA ALA A 13 -3.13 3.89 -6.17
C ALA A 13 -3.22 4.31 -4.71
N ILE A 14 -4.27 3.88 -4.04
CA ILE A 14 -4.48 4.23 -2.64
C ILE A 14 -3.49 3.48 -1.75
N LEU A 15 -3.41 2.16 -1.92
CA LEU A 15 -2.51 1.34 -1.14
C LEU A 15 -1.09 1.90 -1.17
N GLU A 16 -0.68 2.41 -2.33
CA GLU A 16 0.64 2.98 -2.49
C GLU A 16 0.79 4.26 -1.68
N LYS A 17 -0.34 4.87 -1.34
CA LYS A 17 -0.35 6.11 -0.57
C LYS A 17 -0.12 5.81 0.91
N VAL A 18 -1.00 5.01 1.50
CA VAL A 18 -0.88 4.65 2.91
C VAL A 18 0.40 3.87 3.17
N PHE A 19 1.11 3.52 2.11
CA PHE A 19 2.35 2.77 2.23
C PHE A 19 3.53 3.69 2.52
N THR A 20 3.55 4.83 1.84
CA THR A 20 4.62 5.81 2.02
C THR A 20 4.09 7.07 2.69
N ALA A 21 2.94 7.54 2.25
CA ALA A 21 2.33 8.74 2.80
C ALA A 21 1.98 8.55 4.27
N ILE A 22 1.93 7.30 4.71
CA ILE A 22 1.61 6.98 6.10
C ILE A 22 2.71 6.12 6.72
N THR A 23 2.81 4.87 6.26
CA THR A 23 3.81 3.95 6.78
C THR A 23 3.85 2.67 5.95
N LYS A 24 5.07 2.17 5.71
CA LYS A 24 5.25 0.95 4.93
C LYS A 24 4.59 -0.25 5.64
N HIS A 25 4.48 -0.15 6.96
CA HIS A 25 3.88 -1.22 7.74
C HIS A 25 2.65 -0.72 8.50
N PRO A 26 1.50 -0.64 7.80
CA PRO A 26 0.25 -0.18 8.37
C PRO A 26 -0.33 -1.17 9.38
N ASP A 27 -1.04 -0.66 10.38
CA ASP A 27 -1.64 -1.49 11.41
C ASP A 27 -3.06 -1.88 11.02
N GLU A 28 -3.66 -2.77 11.81
CA GLU A 28 -5.02 -3.23 11.55
C GLU A 28 -5.96 -2.05 11.38
N LYS A 29 -6.00 -1.18 12.39
CA LYS A 29 -6.87 -0.02 12.35
C LYS A 29 -6.84 0.65 10.97
N ARG A 30 -5.64 0.79 10.42
CA ARG A 30 -5.48 1.40 9.11
C ARG A 30 -6.12 0.55 8.02
N LEU A 31 -5.66 -0.70 7.91
CA LEU A 31 -6.19 -1.61 6.90
C LEU A 31 -7.71 -1.57 6.88
N GLU A 32 -8.32 -1.47 8.06
CA GLU A 32 -9.78 -1.42 8.17
C GLU A 32 -10.35 -0.35 7.25
N GLY A 33 -9.71 0.82 7.23
CA GLY A 33 -10.17 1.90 6.39
C GLY A 33 -10.10 1.57 4.91
N LEU A 34 -9.01 0.93 4.50
CA LEU A 34 -8.83 0.56 3.11
C LEU A 34 -9.90 -0.43 2.66
N SER A 35 -10.28 -1.34 3.55
CA SER A 35 -11.30 -2.33 3.25
C SER A 35 -12.42 -1.72 2.41
N LYS A 36 -12.77 -0.48 2.71
CA LYS A 36 -13.82 0.21 1.97
C LYS A 36 -13.36 0.58 0.58
N GLN A 37 -12.41 1.52 0.49
CA GLN A 37 -11.88 1.96 -0.79
C GLN A 37 -11.56 0.76 -1.68
N LEU A 38 -10.75 -0.15 -1.17
CA LEU A 38 -10.37 -1.34 -1.92
C LEU A 38 -11.55 -2.31 -2.06
N ASP A 39 -12.44 -2.29 -1.08
CA ASP A 39 -13.61 -3.16 -1.09
C ASP A 39 -13.21 -4.61 -0.84
N TRP A 40 -12.14 -4.81 -0.10
CA TRP A 40 -11.66 -6.14 0.21
C TRP A 40 -11.70 -6.40 1.72
N ASP A 41 -11.32 -7.61 2.12
CA ASP A 41 -11.33 -7.99 3.52
C ASP A 41 -10.05 -7.53 4.21
N VAL A 42 -10.18 -7.09 5.46
CA VAL A 42 -9.02 -6.63 6.23
C VAL A 42 -7.82 -7.53 6.02
N ARG A 43 -8.08 -8.80 5.73
CA ARG A 43 -7.01 -9.77 5.50
C ARG A 43 -6.53 -9.71 4.06
N SER A 44 -7.45 -9.46 3.13
CA SER A 44 -7.12 -9.39 1.72
C SER A 44 -6.16 -8.23 1.44
N ILE A 45 -6.33 -7.15 2.19
CA ILE A 45 -5.47 -5.97 2.04
C ILE A 45 -4.02 -6.29 2.38
N GLN A 46 -3.79 -6.77 3.60
CA GLN A 46 -2.46 -7.11 4.05
C GLN A 46 -1.68 -7.83 2.94
N ARG A 47 -2.33 -8.81 2.32
CA ARG A 47 -1.70 -9.57 1.25
C ARG A 47 -1.00 -8.65 0.26
N TRP A 48 -1.65 -7.54 -0.08
CA TRP A 48 -1.10 -6.58 -1.02
C TRP A 48 0.14 -5.89 -0.43
N PHE A 49 0.05 -5.53 0.85
CA PHE A 49 1.16 -4.86 1.53
C PHE A 49 2.33 -5.82 1.69
N ARG A 50 2.13 -6.90 2.42
CA ARG A 50 3.18 -7.89 2.66
C ARG A 50 3.97 -8.15 1.37
N GLN A 51 3.26 -8.23 0.26
CA GLN A 51 3.90 -8.49 -1.03
C GLN A 51 4.59 -7.23 -1.54
N ARG A 52 3.96 -6.08 -1.34
CA ARG A 52 4.50 -4.80 -1.79
C ARG A 52 5.95 -4.66 -1.33
N ARG A 53 6.16 -4.69 -0.03
CA ARG A 53 7.51 -4.56 0.54
C ARG A 53 8.45 -5.60 -0.06
N ASN A 54 8.03 -6.86 -0.06
CA ASN A 54 8.83 -7.94 -0.60
C ASN A 54 9.37 -7.58 -1.98
N GLN A 55 8.47 -7.15 -2.87
CA GLN A 55 8.86 -6.78 -4.22
C GLN A 55 9.81 -5.58 -4.21
N GLU A 56 9.51 -4.61 -3.36
CA GLU A 56 10.33 -3.41 -3.25
C GLU A 56 11.62 -3.70 -2.49
N LYS A 57 12.74 -3.70 -3.20
CA LYS A 57 14.04 -3.96 -2.60
C LYS A 57 14.46 -2.81 -1.69
N PRO A 58 15.25 -3.14 -0.65
CA PRO A 58 15.74 -2.14 0.30
C PRO A 58 16.77 -1.20 -0.31
N SER A 59 16.91 -0.02 0.28
CA SER A 59 17.86 0.98 -0.21
C SER A 59 19.24 0.77 0.41
N GLY A 60 20.28 0.97 -0.40
CA GLY A 60 21.63 0.80 0.09
C GLY A 60 22.22 -0.53 -0.31
N PRO A 61 23.56 -0.62 -0.30
CA PRO A 61 24.27 -1.85 -0.66
C PRO A 61 24.10 -2.95 0.39
N SER A 62 24.38 -4.19 -0.01
CA SER A 62 24.26 -5.33 0.89
C SER A 62 25.62 -5.85 1.31
N SER A 63 26.21 -5.20 2.30
CA SER A 63 27.53 -5.59 2.80
C SER A 63 27.40 -6.47 4.04
N GLY A 64 28.24 -7.49 4.13
CA GLY A 64 28.21 -8.37 5.27
C GLY A 64 27.70 -9.76 4.91
N GLY A 1 7.28 6.99 -9.39
CA GLY A 1 7.39 8.29 -8.75
C GLY A 1 6.72 9.39 -9.56
N SER A 2 5.39 9.40 -9.55
CA SER A 2 4.63 10.40 -10.29
C SER A 2 4.09 11.47 -9.35
N SER A 3 4.92 12.47 -9.06
CA SER A 3 4.52 13.55 -8.17
C SER A 3 3.81 14.66 -8.95
N GLY A 4 2.79 15.24 -8.33
CA GLY A 4 2.05 16.31 -8.98
C GLY A 4 1.00 15.77 -9.95
N SER A 5 -0.01 15.11 -9.41
CA SER A 5 -1.08 14.55 -10.24
C SER A 5 -2.43 14.67 -9.53
N SER A 6 -3.48 14.24 -10.23
CA SER A 6 -4.83 14.30 -9.68
C SER A 6 -5.10 13.08 -8.79
N GLY A 7 -5.99 13.27 -7.81
CA GLY A 7 -6.32 12.19 -6.91
C GLY A 7 -6.81 10.95 -7.63
N THR A 8 -6.80 9.81 -6.95
CA THR A 8 -7.25 8.56 -7.54
C THR A 8 -7.87 7.64 -6.49
N ALA A 9 -9.04 7.10 -6.80
CA ALA A 9 -9.74 6.21 -5.89
C ALA A 9 -9.42 4.76 -6.20
N GLN A 10 -8.42 4.54 -7.04
CA GLN A 10 -8.01 3.19 -7.42
C GLN A 10 -7.63 2.38 -6.19
N PRO A 11 -7.74 1.04 -6.30
CA PRO A 11 -7.42 0.12 -5.22
C PRO A 11 -5.92 0.07 -4.93
N ASN A 12 -5.12 0.11 -6.00
CA ASN A 12 -3.66 0.06 -5.86
C ASN A 12 -3.10 1.45 -5.58
N ALA A 13 -3.48 2.42 -6.42
CA ALA A 13 -3.01 3.79 -6.26
C ALA A 13 -3.06 4.23 -4.80
N ILE A 14 -4.21 4.01 -4.16
CA ILE A 14 -4.38 4.38 -2.76
C ILE A 14 -3.41 3.61 -1.86
N LEU A 15 -3.41 2.28 -2.00
CA LEU A 15 -2.54 1.44 -1.21
C LEU A 15 -1.10 1.94 -1.26
N GLU A 16 -0.67 2.39 -2.44
CA GLU A 16 0.68 2.89 -2.61
C GLU A 16 0.90 4.17 -1.79
N LYS A 17 -0.12 5.01 -1.75
CA LYS A 17 -0.05 6.27 -0.99
C LYS A 17 0.04 5.99 0.50
N VAL A 18 -0.86 5.15 1.00
CA VAL A 18 -0.88 4.80 2.42
C VAL A 18 0.28 3.87 2.78
N PHE A 19 1.00 3.43 1.76
CA PHE A 19 2.14 2.54 1.96
C PHE A 19 3.40 3.34 2.31
N THR A 20 3.56 4.48 1.66
CA THR A 20 4.71 5.33 1.89
C THR A 20 4.32 6.61 2.62
N ALA A 21 3.18 7.19 2.24
CA ALA A 21 2.68 8.41 2.86
C ALA A 21 2.39 8.20 4.34
N ILE A 22 1.89 7.00 4.67
CA ILE A 22 1.56 6.68 6.05
C ILE A 22 2.58 5.69 6.63
N THR A 23 2.59 4.48 6.09
CA THR A 23 3.51 3.44 6.55
C THR A 23 3.41 2.19 5.68
N LYS A 24 4.41 1.32 5.78
CA LYS A 24 4.44 0.09 5.00
C LYS A 24 3.74 -1.03 5.76
N HIS A 25 3.73 -0.94 7.09
CA HIS A 25 3.09 -1.96 7.92
C HIS A 25 1.90 -1.36 8.67
N PRO A 26 0.77 -1.24 7.98
CA PRO A 26 -0.46 -0.69 8.57
C PRO A 26 -1.08 -1.63 9.61
N ASP A 27 -1.63 -1.05 10.66
CA ASP A 27 -2.26 -1.83 11.72
C ASP A 27 -3.67 -2.23 11.33
N GLU A 28 -4.18 -3.30 11.97
CA GLU A 28 -5.52 -3.78 11.68
C GLU A 28 -6.52 -2.63 11.64
N LYS A 29 -6.41 -1.71 12.59
CA LYS A 29 -7.30 -0.57 12.65
C LYS A 29 -7.10 0.35 11.45
N ARG A 30 -5.88 0.35 10.91
CA ARG A 30 -5.55 1.18 9.76
C ARG A 30 -6.12 0.58 8.48
N LEU A 31 -5.88 -0.71 8.28
CA LEU A 31 -6.37 -1.41 7.09
C LEU A 31 -7.88 -1.28 6.96
N GLU A 32 -8.59 -1.55 8.07
CA GLU A 32 -10.04 -1.46 8.08
C GLU A 32 -10.53 -0.28 7.23
N GLY A 33 -9.75 0.80 7.22
CA GLY A 33 -10.12 1.97 6.45
C GLY A 33 -10.05 1.72 4.96
N LEU A 34 -9.00 1.03 4.51
CA LEU A 34 -8.83 0.73 3.10
C LEU A 34 -9.85 -0.29 2.63
N SER A 35 -10.20 -1.23 3.52
CA SER A 35 -11.16 -2.26 3.20
C SER A 35 -12.34 -1.69 2.41
N LYS A 36 -12.65 -0.42 2.66
CA LYS A 36 -13.74 0.25 1.97
C LYS A 36 -13.37 0.56 0.52
N GLN A 37 -12.41 1.47 0.33
CA GLN A 37 -11.97 1.85 -0.99
C GLN A 37 -11.62 0.62 -1.83
N LEU A 38 -10.79 -0.25 -1.25
CA LEU A 38 -10.37 -1.47 -1.95
C LEU A 38 -11.54 -2.46 -2.05
N ASP A 39 -12.45 -2.39 -1.09
CA ASP A 39 -13.61 -3.27 -1.07
C ASP A 39 -13.19 -4.72 -0.79
N TRP A 40 -12.08 -4.88 -0.08
CA TRP A 40 -11.58 -6.20 0.26
C TRP A 40 -11.63 -6.43 1.77
N ASP A 41 -11.24 -7.63 2.18
CA ASP A 41 -11.24 -7.99 3.60
C ASP A 41 -9.95 -7.52 4.28
N VAL A 42 -10.08 -7.06 5.52
CA VAL A 42 -8.93 -6.60 6.28
C VAL A 42 -7.71 -7.48 6.02
N ARG A 43 -7.95 -8.77 5.88
CA ARG A 43 -6.86 -9.72 5.64
C ARG A 43 -6.40 -9.65 4.19
N SER A 44 -7.33 -9.46 3.27
CA SER A 44 -7.01 -9.38 1.85
C SER A 44 -6.07 -8.21 1.57
N ILE A 45 -6.25 -7.13 2.33
CA ILE A 45 -5.42 -5.95 2.17
C ILE A 45 -3.97 -6.24 2.50
N GLN A 46 -3.72 -6.70 3.72
CA GLN A 46 -2.37 -7.01 4.17
C GLN A 46 -1.57 -7.67 3.05
N ARG A 47 -2.19 -8.64 2.38
CA ARG A 47 -1.53 -9.34 1.28
C ARG A 47 -0.83 -8.36 0.35
N TRP A 48 -1.55 -7.32 -0.07
CA TRP A 48 -0.99 -6.32 -0.97
C TRP A 48 0.20 -5.61 -0.32
N PHE A 49 0.13 -5.43 0.99
CA PHE A 49 1.20 -4.76 1.73
C PHE A 49 2.40 -5.69 1.88
N ARG A 50 2.22 -6.77 2.63
CA ARG A 50 3.29 -7.73 2.85
C ARG A 50 4.05 -8.02 1.56
N GLN A 51 3.31 -8.12 0.46
CA GLN A 51 3.90 -8.41 -0.84
C GLN A 51 4.64 -7.18 -1.38
N ARG A 52 4.00 -6.02 -1.25
CA ARG A 52 4.61 -4.77 -1.72
C ARG A 52 6.08 -4.69 -1.32
N ARG A 53 6.33 -4.73 -0.02
CA ARG A 53 7.69 -4.65 0.49
C ARG A 53 8.58 -5.71 -0.17
N ASN A 54 8.05 -6.92 -0.30
CA ASN A 54 8.80 -8.01 -0.91
C ASN A 54 9.17 -7.67 -2.35
N GLN A 55 8.27 -7.01 -3.06
CA GLN A 55 8.51 -6.63 -4.45
C GLN A 55 9.72 -5.71 -4.55
N GLU A 56 9.93 -4.90 -3.52
CA GLU A 56 11.05 -3.97 -3.50
C GLU A 56 12.17 -4.49 -2.60
N LYS A 57 13.37 -4.62 -3.18
CA LYS A 57 14.53 -5.10 -2.44
C LYS A 57 15.13 -3.99 -1.58
N PRO A 58 15.78 -4.38 -0.48
CA PRO A 58 16.42 -3.44 0.44
C PRO A 58 17.65 -2.77 -0.16
N SER A 59 18.06 -3.26 -1.32
CA SER A 59 19.23 -2.71 -2.01
C SER A 59 18.83 -2.06 -3.33
N GLY A 60 18.52 -0.77 -3.27
CA GLY A 60 18.12 -0.05 -4.47
C GLY A 60 19.16 0.97 -4.90
N PRO A 61 18.72 1.96 -5.69
CA PRO A 61 19.61 3.02 -6.19
C PRO A 61 20.06 3.97 -5.08
N SER A 62 19.63 3.69 -3.85
CA SER A 62 19.99 4.52 -2.71
C SER A 62 21.50 4.69 -2.62
N SER A 63 22.00 5.82 -3.14
CA SER A 63 23.43 6.09 -3.11
C SER A 63 23.84 6.68 -1.76
N GLY A 64 24.80 6.01 -1.11
CA GLY A 64 25.27 6.46 0.18
C GLY A 64 26.48 5.69 0.66
N GLY A 1 7.98 7.23 -17.54
CA GLY A 1 6.71 7.92 -17.67
C GLY A 1 6.48 8.91 -16.54
N SER A 2 6.59 10.19 -16.84
CA SER A 2 6.39 11.23 -15.83
C SER A 2 5.20 10.90 -14.94
N SER A 3 5.31 11.24 -13.66
CA SER A 3 4.24 10.97 -12.70
C SER A 3 3.11 11.98 -12.86
N GLY A 4 1.96 11.51 -13.33
CA GLY A 4 0.81 12.37 -13.52
C GLY A 4 -0.46 11.79 -12.94
N SER A 5 -0.73 12.11 -11.68
CA SER A 5 -1.93 11.61 -11.00
C SER A 5 -2.19 12.39 -9.72
N SER A 6 -3.43 12.83 -9.55
CA SER A 6 -3.81 13.59 -8.37
C SER A 6 -5.14 13.08 -7.80
N GLY A 7 -5.16 12.84 -6.50
CA GLY A 7 -6.37 12.35 -5.85
C GLY A 7 -7.00 11.19 -6.60
N THR A 8 -6.41 10.00 -6.46
CA THR A 8 -6.93 8.82 -7.13
C THR A 8 -7.70 7.92 -6.16
N ALA A 9 -8.64 7.16 -6.69
CA ALA A 9 -9.45 6.27 -5.88
C ALA A 9 -9.25 4.81 -6.28
N GLN A 10 -8.21 4.56 -7.07
CA GLN A 10 -7.90 3.22 -7.54
C GLN A 10 -7.66 2.28 -6.36
N PRO A 11 -7.87 0.97 -6.60
CA PRO A 11 -7.70 -0.06 -5.57
C PRO A 11 -6.23 -0.25 -5.20
N ASN A 12 -5.35 -0.06 -6.17
CA ASN A 12 -3.91 -0.22 -5.94
C ASN A 12 -3.26 1.12 -5.64
N ALA A 13 -3.46 2.09 -6.54
CA ALA A 13 -2.88 3.42 -6.37
C ALA A 13 -2.91 3.85 -4.91
N ILE A 14 -4.09 3.76 -4.29
CA ILE A 14 -4.25 4.15 -2.90
C ILE A 14 -3.29 3.36 -2.01
N LEU A 15 -3.39 2.04 -2.06
CA LEU A 15 -2.53 1.17 -1.25
C LEU A 15 -1.07 1.63 -1.34
N GLU A 16 -0.65 2.04 -2.54
CA GLU A 16 0.71 2.49 -2.75
C GLU A 16 0.96 3.82 -2.04
N LYS A 17 -0.06 4.68 -2.02
CA LYS A 17 0.05 5.98 -1.37
C LYS A 17 0.10 5.83 0.14
N VAL A 18 -0.87 5.12 0.69
CA VAL A 18 -0.93 4.90 2.14
C VAL A 18 0.28 4.11 2.63
N PHE A 19 1.09 3.64 1.68
CA PHE A 19 2.27 2.85 2.02
C PHE A 19 3.42 3.78 2.41
N THR A 20 3.43 4.98 1.85
CA THR A 20 4.48 5.95 2.14
C THR A 20 3.91 7.18 2.85
N ALA A 21 2.79 7.67 2.35
CA ALA A 21 2.13 8.83 2.94
C ALA A 21 1.70 8.56 4.37
N ILE A 22 1.52 7.28 4.69
CA ILE A 22 1.10 6.88 6.04
C ILE A 22 2.13 5.97 6.69
N THR A 23 2.24 4.75 6.15
CA THR A 23 3.19 3.78 6.67
C THR A 23 3.23 2.52 5.81
N LYS A 24 4.36 1.83 5.82
CA LYS A 24 4.54 0.62 5.03
C LYS A 24 3.96 -0.59 5.76
N HIS A 25 3.82 -0.46 7.07
CA HIS A 25 3.27 -1.55 7.89
C HIS A 25 1.98 -1.11 8.58
N PRO A 26 0.88 -1.07 7.81
CA PRO A 26 -0.43 -0.67 8.33
C PRO A 26 -1.02 -1.70 9.29
N ASP A 27 -1.32 -1.28 10.50
CA ASP A 27 -1.89 -2.16 11.51
C ASP A 27 -3.32 -2.54 11.15
N GLU A 28 -3.83 -3.57 11.81
CA GLU A 28 -5.20 -4.04 11.55
C GLU A 28 -6.17 -2.86 11.47
N LYS A 29 -6.04 -1.93 12.41
CA LYS A 29 -6.90 -0.76 12.44
C LYS A 29 -6.69 0.11 11.21
N ARG A 30 -5.43 0.36 10.87
CA ARG A 30 -5.10 1.17 9.71
C ARG A 30 -5.61 0.53 8.43
N LEU A 31 -5.54 -0.80 8.37
CA LEU A 31 -5.99 -1.54 7.19
C LEU A 31 -7.50 -1.46 7.06
N GLU A 32 -8.21 -1.52 8.19
CA GLU A 32 -9.66 -1.46 8.20
C GLU A 32 -10.16 -0.29 7.34
N GLY A 33 -9.41 0.80 7.36
CA GLY A 33 -9.79 1.97 6.59
C GLY A 33 -9.80 1.71 5.10
N LEU A 34 -8.75 1.05 4.61
CA LEU A 34 -8.64 0.73 3.19
C LEU A 34 -9.75 -0.22 2.76
N SER A 35 -10.16 -1.11 3.66
CA SER A 35 -11.21 -2.07 3.36
C SER A 35 -12.34 -1.41 2.58
N LYS A 36 -12.66 -0.17 2.94
CA LYS A 36 -13.72 0.57 2.27
C LYS A 36 -13.32 0.90 0.83
N GLN A 37 -12.31 1.75 0.68
CA GLN A 37 -11.84 2.15 -0.63
C GLN A 37 -11.61 0.93 -1.52
N LEU A 38 -10.77 0.02 -1.07
CA LEU A 38 -10.47 -1.20 -1.82
C LEU A 38 -11.68 -2.10 -1.91
N ASP A 39 -12.55 -2.02 -0.90
CA ASP A 39 -13.77 -2.83 -0.87
C ASP A 39 -13.44 -4.29 -0.59
N TRP A 40 -12.33 -4.53 0.10
CA TRP A 40 -11.90 -5.88 0.43
C TRP A 40 -11.93 -6.10 1.94
N ASP A 41 -11.48 -7.27 2.37
CA ASP A 41 -11.45 -7.61 3.79
C ASP A 41 -10.09 -7.28 4.39
N VAL A 42 -10.10 -6.84 5.64
CA VAL A 42 -8.87 -6.49 6.35
C VAL A 42 -7.75 -7.48 6.02
N ARG A 43 -8.14 -8.70 5.68
CA ARG A 43 -7.16 -9.74 5.35
C ARG A 43 -6.71 -9.61 3.91
N SER A 44 -7.67 -9.43 3.00
CA SER A 44 -7.37 -9.30 1.58
C SER A 44 -6.41 -8.13 1.33
N ILE A 45 -6.48 -7.12 2.19
CA ILE A 45 -5.63 -5.95 2.08
C ILE A 45 -4.19 -6.29 2.41
N GLN A 46 -3.97 -6.82 3.60
CA GLN A 46 -2.63 -7.19 4.05
C GLN A 46 -1.89 -7.96 2.96
N ARG A 47 -2.63 -8.78 2.21
CA ARG A 47 -2.05 -9.57 1.13
C ARG A 47 -1.27 -8.68 0.16
N TRP A 48 -1.85 -7.54 -0.18
CA TRP A 48 -1.21 -6.60 -1.10
C TRP A 48 0.03 -5.98 -0.47
N PHE A 49 -0.11 -5.56 0.79
CA PHE A 49 1.01 -4.94 1.51
C PHE A 49 2.16 -5.92 1.68
N ARG A 50 1.90 -7.03 2.36
CA ARG A 50 2.92 -8.05 2.59
C ARG A 50 3.69 -8.35 1.31
N GLN A 51 3.01 -8.22 0.17
CA GLN A 51 3.62 -8.48 -1.13
C GLN A 51 4.39 -7.27 -1.61
N ARG A 52 3.86 -6.08 -1.31
CA ARG A 52 4.49 -4.83 -1.73
C ARG A 52 5.85 -4.66 -1.05
N ARG A 53 5.85 -4.69 0.28
CA ARG A 53 7.09 -4.55 1.04
C ARG A 53 8.22 -5.34 0.41
N ASN A 54 7.97 -6.62 0.16
CA ASN A 54 8.97 -7.49 -0.44
C ASN A 54 9.73 -6.77 -1.54
N GLN A 55 8.99 -6.18 -2.47
CA GLN A 55 9.60 -5.45 -3.58
C GLN A 55 10.43 -4.27 -3.07
N GLU A 56 9.88 -3.54 -2.12
CA GLU A 56 10.56 -2.38 -1.55
C GLU A 56 11.63 -2.83 -0.56
N LYS A 57 12.89 -2.61 -0.92
CA LYS A 57 14.02 -2.98 -0.07
C LYS A 57 14.00 -2.18 1.23
N PRO A 58 14.59 -2.75 2.29
CA PRO A 58 14.66 -2.10 3.60
C PRO A 58 15.60 -0.90 3.60
N SER A 59 15.56 -0.12 4.68
CA SER A 59 16.41 1.06 4.80
C SER A 59 17.74 0.71 5.45
N GLY A 60 17.67 0.19 6.68
CA GLY A 60 18.88 -0.19 7.40
C GLY A 60 18.64 -0.33 8.89
N PRO A 61 19.72 -0.57 9.65
CA PRO A 61 19.65 -0.73 11.09
C PRO A 61 19.31 0.57 11.81
N SER A 62 19.96 1.65 11.40
CA SER A 62 19.73 2.96 12.00
C SER A 62 19.26 3.96 10.96
N SER A 63 18.03 4.45 11.11
CA SER A 63 17.46 5.42 10.19
C SER A 63 17.15 6.74 10.89
N GLY A 64 18.05 7.70 10.77
CA GLY A 64 17.86 8.98 11.40
C GLY A 64 18.99 9.95 11.13
N GLY A 1 7.90 10.73 -9.98
CA GLY A 1 8.47 11.65 -10.95
C GLY A 1 7.52 12.78 -11.31
N SER A 2 6.92 12.69 -12.50
CA SER A 2 6.00 13.72 -12.97
C SER A 2 4.56 13.32 -12.64
N SER A 3 3.98 14.01 -11.65
CA SER A 3 2.61 13.73 -11.22
C SER A 3 1.62 14.41 -12.16
N GLY A 4 0.81 13.61 -12.84
CA GLY A 4 -0.18 14.15 -13.75
C GLY A 4 -1.57 14.18 -13.15
N SER A 5 -2.20 13.02 -13.04
CA SER A 5 -3.54 12.92 -12.48
C SER A 5 -3.55 13.33 -11.01
N SER A 6 -4.57 14.11 -10.63
CA SER A 6 -4.69 14.58 -9.25
C SER A 6 -5.93 13.99 -8.59
N GLY A 7 -5.74 12.86 -7.91
CA GLY A 7 -6.85 12.21 -7.23
C GLY A 7 -7.22 10.88 -7.86
N THR A 8 -6.94 9.79 -7.16
CA THR A 8 -7.23 8.45 -7.66
C THR A 8 -7.95 7.63 -6.60
N ALA A 9 -8.84 6.75 -7.05
CA ALA A 9 -9.59 5.88 -6.14
C ALA A 9 -9.32 4.41 -6.42
N GLN A 10 -8.28 4.16 -7.22
CA GLN A 10 -7.91 2.79 -7.57
C GLN A 10 -7.65 1.95 -6.32
N PRO A 11 -7.81 0.63 -6.44
CA PRO A 11 -7.58 -0.30 -5.34
C PRO A 11 -6.11 -0.42 -4.96
N ASN A 12 -5.24 -0.34 -5.97
CA ASN A 12 -3.80 -0.44 -5.74
C ASN A 12 -3.19 0.94 -5.50
N ALA A 13 -3.45 1.85 -6.42
CA ALA A 13 -2.92 3.21 -6.30
C ALA A 13 -2.95 3.69 -4.85
N ILE A 14 -4.14 3.72 -4.27
CA ILE A 14 -4.31 4.16 -2.89
C ILE A 14 -3.30 3.48 -1.98
N LEU A 15 -3.42 2.17 -1.83
CA LEU A 15 -2.51 1.40 -0.99
C LEU A 15 -1.09 1.94 -1.09
N GLU A 16 -0.74 2.48 -2.24
CA GLU A 16 0.59 3.03 -2.46
C GLU A 16 0.76 4.34 -1.70
N LYS A 17 -0.22 5.23 -1.83
CA LYS A 17 -0.18 6.53 -1.17
C LYS A 17 -0.11 6.35 0.36
N VAL A 18 -0.89 5.39 0.87
CA VAL A 18 -0.92 5.12 2.29
C VAL A 18 0.29 4.32 2.73
N PHE A 19 1.08 3.86 1.75
CA PHE A 19 2.28 3.08 2.03
C PHE A 19 3.46 3.99 2.34
N THR A 20 3.42 5.20 1.79
CA THR A 20 4.49 6.17 2.00
C THR A 20 3.97 7.42 2.72
N ALA A 21 2.76 7.84 2.37
CA ALA A 21 2.16 9.02 2.97
C ALA A 21 1.87 8.77 4.45
N ILE A 22 1.45 7.55 4.77
CA ILE A 22 1.14 7.19 6.15
C ILE A 22 2.23 6.30 6.75
N THR A 23 2.38 5.10 6.20
CA THR A 23 3.38 4.16 6.67
C THR A 23 3.42 2.91 5.80
N LYS A 24 4.58 2.26 5.77
CA LYS A 24 4.75 1.05 4.97
C LYS A 24 4.18 -0.17 5.70
N HIS A 25 4.32 -0.18 7.02
CA HIS A 25 3.83 -1.28 7.83
C HIS A 25 2.67 -0.83 8.72
N PRO A 26 1.46 -0.76 8.14
CA PRO A 26 0.26 -0.34 8.85
C PRO A 26 -0.19 -1.38 9.88
N ASP A 27 -1.12 -0.98 10.74
CA ASP A 27 -1.63 -1.87 11.78
C ASP A 27 -2.94 -2.52 11.34
N GLU A 28 -3.49 -3.37 12.20
CA GLU A 28 -4.75 -4.06 11.89
C GLU A 28 -5.88 -3.07 11.71
N LYS A 29 -5.81 -1.95 12.44
CA LYS A 29 -6.84 -0.92 12.37
C LYS A 29 -6.76 -0.17 11.04
N ARG A 30 -5.56 0.28 10.70
CA ARG A 30 -5.36 1.02 9.45
C ARG A 30 -6.10 0.35 8.30
N LEU A 31 -5.80 -0.91 8.06
CA LEU A 31 -6.44 -1.66 6.97
C LEU A 31 -7.94 -1.39 6.95
N GLU A 32 -8.60 -1.59 8.09
CA GLU A 32 -10.04 -1.37 8.20
C GLU A 32 -10.47 -0.17 7.35
N GLY A 33 -9.63 0.86 7.33
CA GLY A 33 -9.94 2.05 6.56
C GLY A 33 -9.94 1.79 5.07
N LEU A 34 -8.86 1.19 4.58
CA LEU A 34 -8.73 0.89 3.15
C LEU A 34 -9.83 -0.08 2.71
N SER A 35 -10.14 -1.05 3.56
CA SER A 35 -11.16 -2.04 3.25
C SER A 35 -12.31 -1.41 2.49
N LYS A 36 -12.57 -0.14 2.75
CA LYS A 36 -13.64 0.58 2.09
C LYS A 36 -13.27 0.91 0.65
N GLN A 37 -12.21 1.71 0.49
CA GLN A 37 -11.74 2.10 -0.84
C GLN A 37 -11.41 0.88 -1.69
N LEU A 38 -10.66 -0.06 -1.10
CA LEU A 38 -10.28 -1.27 -1.81
C LEU A 38 -11.46 -2.22 -1.92
N ASP A 39 -12.42 -2.08 -1.02
CA ASP A 39 -13.61 -2.93 -1.02
C ASP A 39 -13.23 -4.39 -0.81
N TRP A 40 -12.16 -4.62 -0.07
CA TRP A 40 -11.69 -5.97 0.21
C TRP A 40 -11.77 -6.29 1.70
N ASP A 41 -11.36 -7.50 2.06
CA ASP A 41 -11.40 -7.92 3.46
C ASP A 41 -10.15 -7.44 4.21
N VAL A 42 -10.30 -7.19 5.51
CA VAL A 42 -9.19 -6.73 6.32
C VAL A 42 -7.94 -7.57 6.09
N ARG A 43 -8.14 -8.82 5.69
CA ARG A 43 -7.03 -9.73 5.43
C ARG A 43 -6.59 -9.65 3.98
N SER A 44 -7.55 -9.39 3.08
CA SER A 44 -7.27 -9.28 1.66
C SER A 44 -6.30 -8.13 1.38
N ILE A 45 -6.38 -7.09 2.19
CA ILE A 45 -5.51 -5.93 2.03
C ILE A 45 -4.07 -6.28 2.38
N GLN A 46 -3.85 -6.73 3.60
CA GLN A 46 -2.51 -7.10 4.06
C GLN A 46 -1.75 -7.85 2.97
N ARG A 47 -2.45 -8.73 2.27
CA ARG A 47 -1.84 -9.51 1.20
C ARG A 47 -1.08 -8.61 0.24
N TRP A 48 -1.69 -7.49 -0.12
CA TRP A 48 -1.06 -6.54 -1.04
C TRP A 48 0.17 -5.91 -0.40
N PHE A 49 0.02 -5.43 0.83
CA PHE A 49 1.11 -4.79 1.56
C PHE A 49 2.29 -5.74 1.69
N ARG A 50 2.07 -6.87 2.35
CA ARG A 50 3.12 -7.87 2.56
C ARG A 50 3.90 -8.10 1.27
N GLN A 51 3.20 -8.11 0.15
CA GLN A 51 3.83 -8.32 -1.16
C GLN A 51 4.62 -7.09 -1.58
N ARG A 52 4.02 -5.92 -1.42
CA ARG A 52 4.67 -4.66 -1.79
C ARG A 52 6.04 -4.56 -1.14
N ARG A 53 6.09 -4.84 0.16
CA ARG A 53 7.35 -4.77 0.91
C ARG A 53 8.33 -5.83 0.42
N ASN A 54 7.80 -6.95 -0.05
CA ASN A 54 8.63 -8.04 -0.54
C ASN A 54 9.38 -7.64 -1.80
N GLN A 55 8.66 -6.98 -2.71
CA GLN A 55 9.26 -6.52 -3.96
C GLN A 55 10.10 -5.27 -3.75
N GLU A 56 9.54 -4.32 -3.01
CA GLU A 56 10.23 -3.07 -2.73
C GLU A 56 11.74 -3.29 -2.59
N LYS A 57 12.49 -2.82 -3.58
CA LYS A 57 13.93 -2.97 -3.57
C LYS A 57 14.62 -1.65 -3.95
N PRO A 58 15.87 -1.49 -3.49
CA PRO A 58 16.67 -0.28 -3.77
C PRO A 58 17.07 -0.18 -5.24
N SER A 59 16.98 -1.30 -5.95
CA SER A 59 17.35 -1.35 -7.35
C SER A 59 16.53 -0.34 -8.16
N GLY A 60 17.10 0.12 -9.27
CA GLY A 60 16.41 1.08 -10.11
C GLY A 60 16.72 2.51 -9.73
N PRO A 61 17.85 3.03 -10.23
CA PRO A 61 18.29 4.40 -9.95
C PRO A 61 17.40 5.44 -10.62
N SER A 62 16.78 6.30 -9.82
CA SER A 62 15.90 7.33 -10.34
C SER A 62 16.61 8.69 -10.37
N SER A 63 17.29 8.98 -11.47
CA SER A 63 18.02 10.24 -11.62
C SER A 63 17.10 11.33 -12.16
N GLY A 64 16.49 11.07 -13.31
CA GLY A 64 15.59 12.05 -13.91
C GLY A 64 16.33 13.27 -14.41
N GLY A 1 3.14 5.03 -21.18
CA GLY A 1 3.18 6.48 -21.15
C GLY A 1 1.90 7.08 -20.60
N SER A 2 1.99 7.66 -19.41
CA SER A 2 0.82 8.27 -18.77
C SER A 2 1.25 9.24 -17.67
N SER A 3 0.68 10.44 -17.69
CA SER A 3 1.01 11.46 -16.70
C SER A 3 -0.25 12.15 -16.19
N GLY A 4 -0.37 12.28 -14.88
CA GLY A 4 -1.53 12.92 -14.29
C GLY A 4 -2.73 12.00 -14.22
N SER A 5 -3.70 12.36 -13.39
CA SER A 5 -4.90 11.55 -13.22
C SER A 5 -5.96 12.30 -12.42
N SER A 6 -7.14 11.70 -12.30
CA SER A 6 -8.23 12.32 -11.55
C SER A 6 -8.88 11.31 -10.61
N GLY A 7 -9.37 11.79 -9.46
CA GLY A 7 -10.01 10.93 -8.49
C GLY A 7 -9.24 9.64 -8.28
N THR A 8 -8.24 9.69 -7.41
CA THR A 8 -7.42 8.51 -7.12
C THR A 8 -8.15 7.55 -6.18
N ALA A 9 -8.97 6.70 -6.76
CA ALA A 9 -9.73 5.72 -5.97
C ALA A 9 -9.32 4.29 -6.32
N GLN A 10 -8.24 4.17 -7.09
CA GLN A 10 -7.75 2.85 -7.49
C GLN A 10 -7.40 2.00 -6.28
N PRO A 11 -7.48 0.67 -6.45
CA PRO A 11 -7.18 -0.27 -5.37
C PRO A 11 -5.70 -0.31 -5.01
N ASN A 12 -4.85 -0.06 -6.02
CA ASN A 12 -3.41 -0.06 -5.81
C ASN A 12 -2.90 1.35 -5.52
N ALA A 13 -3.40 2.32 -6.28
CA ALA A 13 -3.00 3.71 -6.12
C ALA A 13 -3.06 4.12 -4.65
N ILE A 14 -4.19 3.83 -4.01
CA ILE A 14 -4.38 4.17 -2.61
C ILE A 14 -3.43 3.39 -1.72
N LEU A 15 -3.50 2.07 -1.79
CA LEU A 15 -2.63 1.20 -1.00
C LEU A 15 -1.19 1.68 -1.05
N GLU A 16 -0.84 2.38 -2.12
CA GLU A 16 0.52 2.88 -2.29
C GLU A 16 0.69 4.21 -1.56
N LYS A 17 -0.38 4.99 -1.50
CA LYS A 17 -0.35 6.30 -0.84
C LYS A 17 -0.07 6.12 0.65
N VAL A 18 -0.80 5.23 1.29
CA VAL A 18 -0.63 4.97 2.72
C VAL A 18 0.65 4.18 2.98
N PHE A 19 1.31 3.75 1.91
CA PHE A 19 2.54 2.99 2.03
C PHE A 19 3.73 3.91 2.26
N THR A 20 3.64 5.14 1.75
CA THR A 20 4.70 6.12 1.89
C THR A 20 4.22 7.34 2.68
N ALA A 21 2.99 7.76 2.40
CA ALA A 21 2.41 8.91 3.09
C ALA A 21 2.28 8.65 4.58
N ILE A 22 1.94 7.42 4.94
CA ILE A 22 1.79 7.05 6.34
C ILE A 22 2.89 6.09 6.79
N THR A 23 2.88 4.89 6.23
CA THR A 23 3.88 3.88 6.57
C THR A 23 3.72 2.63 5.72
N LYS A 24 4.79 1.86 5.61
CA LYS A 24 4.77 0.62 4.82
C LYS A 24 4.06 -0.49 5.58
N HIS A 25 4.30 -0.55 6.89
CA HIS A 25 3.70 -1.58 7.73
C HIS A 25 2.60 -0.97 8.61
N PRO A 26 1.41 -0.78 8.03
CA PRO A 26 0.26 -0.22 8.75
C PRO A 26 -0.30 -1.17 9.80
N ASP A 27 -1.22 -0.68 10.61
CA ASP A 27 -1.84 -1.48 11.66
C ASP A 27 -3.25 -1.91 11.25
N GLU A 28 -3.82 -2.83 12.02
CA GLU A 28 -5.16 -3.33 11.75
C GLU A 28 -6.12 -2.18 11.49
N LYS A 29 -6.24 -1.27 12.46
CA LYS A 29 -7.12 -0.12 12.34
C LYS A 29 -7.03 0.48 10.94
N ARG A 30 -5.82 0.80 10.51
CA ARG A 30 -5.61 1.38 9.19
C ARG A 30 -6.23 0.52 8.10
N LEU A 31 -5.79 -0.73 8.01
CA LEU A 31 -6.32 -1.65 7.02
C LEU A 31 -7.84 -1.60 6.97
N GLU A 32 -8.46 -1.71 8.14
CA GLU A 32 -9.92 -1.67 8.23
C GLU A 32 -10.49 -0.51 7.42
N GLY A 33 -9.76 0.60 7.40
CA GLY A 33 -10.21 1.76 6.65
C GLY A 33 -10.20 1.54 5.15
N LEU A 34 -9.12 0.94 4.66
CA LEU A 34 -8.99 0.66 3.24
C LEU A 34 -10.07 -0.31 2.76
N SER A 35 -10.43 -1.24 3.62
CA SER A 35 -11.45 -2.23 3.29
C SER A 35 -12.59 -1.60 2.48
N LYS A 36 -12.84 -0.31 2.75
CA LYS A 36 -13.89 0.41 2.04
C LYS A 36 -13.47 0.74 0.62
N GLN A 37 -12.43 1.56 0.50
CA GLN A 37 -11.92 1.95 -0.81
C GLN A 37 -11.59 0.73 -1.67
N LEU A 38 -10.69 -0.10 -1.17
CA LEU A 38 -10.29 -1.31 -1.89
C LEU A 38 -11.46 -2.27 -2.03
N ASP A 39 -12.40 -2.21 -1.08
CA ASP A 39 -13.57 -3.06 -1.11
C ASP A 39 -13.19 -4.52 -0.84
N TRP A 40 -12.06 -4.72 -0.16
CA TRP A 40 -11.59 -6.06 0.15
C TRP A 40 -11.66 -6.33 1.65
N ASP A 41 -11.36 -7.57 2.04
CA ASP A 41 -11.37 -7.94 3.45
C ASP A 41 -10.11 -7.49 4.16
N VAL A 42 -10.24 -7.10 5.43
CA VAL A 42 -9.11 -6.64 6.22
C VAL A 42 -7.90 -7.56 6.02
N ARG A 43 -8.17 -8.83 5.72
CA ARG A 43 -7.11 -9.80 5.52
C ARG A 43 -6.63 -9.78 4.06
N SER A 44 -7.54 -9.45 3.15
CA SER A 44 -7.21 -9.40 1.73
C SER A 44 -6.34 -8.19 1.42
N ILE A 45 -6.29 -7.24 2.36
CA ILE A 45 -5.50 -6.03 2.17
C ILE A 45 -4.02 -6.31 2.48
N GLN A 46 -3.75 -6.70 3.72
CA GLN A 46 -2.37 -6.99 4.15
C GLN A 46 -1.61 -7.72 3.05
N ARG A 47 -2.30 -8.61 2.34
CA ARG A 47 -1.69 -9.37 1.26
C ARG A 47 -0.92 -8.46 0.32
N TRP A 48 -1.54 -7.35 -0.07
CA TRP A 48 -0.92 -6.39 -0.97
C TRP A 48 0.30 -5.74 -0.32
N PHE A 49 0.14 -5.32 0.93
CA PHE A 49 1.22 -4.68 1.67
C PHE A 49 2.43 -5.61 1.77
N ARG A 50 2.21 -6.81 2.32
CA ARG A 50 3.28 -7.78 2.47
C ARG A 50 3.90 -8.13 1.12
N GLN A 51 3.06 -8.34 0.12
CA GLN A 51 3.52 -8.67 -1.21
C GLN A 51 4.38 -7.56 -1.80
N ARG A 52 3.92 -6.32 -1.64
CA ARG A 52 4.63 -5.17 -2.15
C ARG A 52 6.03 -5.07 -1.54
N ARG A 53 6.08 -4.95 -0.21
CA ARG A 53 7.34 -4.85 0.50
C ARG A 53 8.37 -5.83 -0.07
N ASN A 54 7.92 -7.06 -0.34
CA ASN A 54 8.80 -8.08 -0.89
C ASN A 54 9.54 -7.56 -2.11
N GLN A 55 8.82 -6.89 -3.00
CA GLN A 55 9.41 -6.34 -4.22
C GLN A 55 10.62 -5.49 -3.89
N GLU A 56 10.50 -4.65 -2.86
CA GLU A 56 11.58 -3.78 -2.44
C GLU A 56 11.93 -3.99 -0.98
N LYS A 57 13.12 -4.52 -0.72
CA LYS A 57 13.58 -4.77 0.64
C LYS A 57 15.10 -4.62 0.74
N PRO A 58 15.56 -4.07 1.88
CA PRO A 58 16.99 -3.87 2.13
C PRO A 58 17.73 -5.18 2.33
N SER A 59 18.46 -5.61 1.31
CA SER A 59 19.22 -6.85 1.37
C SER A 59 20.55 -6.63 2.08
N GLY A 60 21.06 -7.69 2.71
CA GLY A 60 22.32 -7.60 3.42
C GLY A 60 22.19 -7.96 4.89
N PRO A 61 23.26 -7.69 5.66
CA PRO A 61 23.28 -7.98 7.10
C PRO A 61 22.34 -7.07 7.89
N SER A 62 21.08 -7.48 8.01
CA SER A 62 20.10 -6.70 8.73
C SER A 62 20.71 -6.07 9.99
N SER A 63 20.66 -4.74 10.07
CA SER A 63 21.21 -4.03 11.20
C SER A 63 20.18 -3.87 12.31
N GLY A 64 20.49 -4.41 13.48
CA GLY A 64 19.57 -4.33 14.61
C GLY A 64 19.37 -5.67 15.29
N GLY A 1 1.67 20.09 -13.65
CA GLY A 1 0.95 19.12 -12.84
C GLY A 1 -0.51 19.49 -12.68
N SER A 2 -1.34 19.03 -13.60
CA SER A 2 -2.78 19.31 -13.57
C SER A 2 -3.59 18.02 -13.66
N SER A 3 -4.66 17.96 -12.88
CA SER A 3 -5.52 16.77 -12.88
C SER A 3 -4.70 15.50 -12.82
N GLY A 4 -3.66 15.50 -11.99
CA GLY A 4 -2.80 14.34 -11.87
C GLY A 4 -3.14 13.50 -10.65
N SER A 5 -3.87 12.41 -10.87
CA SER A 5 -4.26 11.52 -9.78
C SER A 5 -4.67 12.33 -8.55
N SER A 6 -5.42 13.39 -8.77
CA SER A 6 -5.87 14.25 -7.68
C SER A 6 -6.78 13.48 -6.74
N GLY A 7 -7.71 12.72 -7.31
CA GLY A 7 -8.64 11.94 -6.50
C GLY A 7 -8.60 10.46 -6.84
N THR A 8 -7.40 9.92 -6.97
CA THR A 8 -7.23 8.51 -7.29
C THR A 8 -7.99 7.62 -6.32
N ALA A 9 -8.79 6.70 -6.85
CA ALA A 9 -9.58 5.80 -6.03
C ALA A 9 -9.25 4.34 -6.35
N GLN A 10 -8.18 4.13 -7.12
CA GLN A 10 -7.77 2.79 -7.50
C GLN A 10 -7.40 1.96 -6.27
N PRO A 11 -7.48 0.63 -6.41
CA PRO A 11 -7.15 -0.30 -5.33
C PRO A 11 -5.67 -0.32 -5.00
N ASN A 12 -4.84 -0.03 -6.01
CA ASN A 12 -3.40 -0.01 -5.84
C ASN A 12 -2.90 1.40 -5.56
N ALA A 13 -3.42 2.36 -6.31
CA ALA A 13 -3.03 3.76 -6.14
C ALA A 13 -3.07 4.17 -4.67
N ILE A 14 -4.21 3.93 -4.03
CA ILE A 14 -4.37 4.28 -2.63
C ILE A 14 -3.39 3.52 -1.75
N LEU A 15 -3.45 2.19 -1.80
CA LEU A 15 -2.55 1.36 -1.01
C LEU A 15 -1.11 1.84 -1.13
N GLU A 16 -0.71 2.21 -2.34
CA GLU A 16 0.65 2.70 -2.59
C GLU A 16 0.88 4.05 -1.90
N LYS A 17 -0.21 4.81 -1.73
CA LYS A 17 -0.13 6.11 -1.10
C LYS A 17 0.02 5.97 0.41
N VAL A 18 -0.85 5.18 1.01
CA VAL A 18 -0.82 4.96 2.46
C VAL A 18 0.41 4.16 2.86
N PHE A 19 1.15 3.68 1.87
CA PHE A 19 2.35 2.89 2.12
C PHE A 19 3.55 3.79 2.42
N THR A 20 3.60 4.94 1.74
CA THR A 20 4.69 5.89 1.93
C THR A 20 4.20 7.13 2.68
N ALA A 21 3.00 7.59 2.35
CA ALA A 21 2.43 8.77 2.99
C ALA A 21 2.21 8.52 4.48
N ILE A 22 1.80 7.29 4.82
CA ILE A 22 1.56 6.93 6.21
C ILE A 22 2.65 6.00 6.73
N THR A 23 2.71 4.79 6.19
CA THR A 23 3.70 3.81 6.60
C THR A 23 3.63 2.56 5.74
N LYS A 24 4.72 1.82 5.68
CA LYS A 24 4.78 0.59 4.89
C LYS A 24 4.10 -0.56 5.63
N HIS A 25 4.30 -0.63 6.94
CA HIS A 25 3.70 -1.68 7.75
C HIS A 25 2.59 -1.12 8.63
N PRO A 26 1.40 -0.93 8.04
CA PRO A 26 0.23 -0.40 8.75
C PRO A 26 -0.31 -1.39 9.77
N ASP A 27 -1.18 -0.90 10.66
CA ASP A 27 -1.78 -1.74 11.69
C ASP A 27 -3.17 -2.21 11.25
N GLU A 28 -3.76 -3.09 12.05
CA GLU A 28 -5.08 -3.62 11.76
C GLU A 28 -6.07 -2.50 11.45
N LYS A 29 -6.17 -1.56 12.38
CA LYS A 29 -7.09 -0.43 12.23
C LYS A 29 -6.92 0.22 10.85
N ARG A 30 -5.73 0.73 10.58
CA ARG A 30 -5.44 1.37 9.30
C ARG A 30 -6.09 0.60 8.15
N LEU A 31 -5.78 -0.68 8.05
CA LEU A 31 -6.32 -1.53 7.00
C LEU A 31 -7.84 -1.42 6.95
N GLU A 32 -8.49 -1.70 8.08
CA GLU A 32 -9.94 -1.63 8.16
C GLU A 32 -10.48 -0.47 7.33
N GLY A 33 -9.78 0.66 7.39
CA GLY A 33 -10.20 1.83 6.64
C GLY A 33 -10.16 1.61 5.14
N LEU A 34 -9.06 1.02 4.66
CA LEU A 34 -8.89 0.75 3.25
C LEU A 34 -9.95 -0.22 2.74
N SER A 35 -10.26 -1.22 3.56
CA SER A 35 -11.26 -2.22 3.20
C SER A 35 -12.40 -1.59 2.38
N LYS A 36 -12.77 -0.37 2.75
CA LYS A 36 -13.84 0.35 2.05
C LYS A 36 -13.40 0.74 0.65
N GLN A 37 -12.35 1.56 0.57
CA GLN A 37 -11.84 2.01 -0.72
C GLN A 37 -11.49 0.82 -1.62
N LEU A 38 -10.68 -0.10 -1.08
CA LEU A 38 -10.27 -1.29 -1.83
C LEU A 38 -11.44 -2.25 -2.00
N ASP A 39 -12.42 -2.15 -1.11
CA ASP A 39 -13.59 -3.02 -1.16
C ASP A 39 -13.21 -4.47 -0.90
N TRP A 40 -12.10 -4.67 -0.19
CA TRP A 40 -11.63 -6.02 0.12
C TRP A 40 -11.71 -6.29 1.62
N ASP A 41 -11.33 -7.50 2.02
CA ASP A 41 -11.36 -7.89 3.42
C ASP A 41 -10.06 -7.50 4.13
N VAL A 42 -10.17 -7.12 5.39
CA VAL A 42 -9.00 -6.73 6.18
C VAL A 42 -7.81 -7.62 5.88
N ARG A 43 -8.08 -8.91 5.70
CA ARG A 43 -7.02 -9.89 5.41
C ARG A 43 -6.57 -9.77 3.96
N SER A 44 -7.50 -9.45 3.08
CA SER A 44 -7.21 -9.31 1.65
C SER A 44 -6.26 -8.14 1.41
N ILE A 45 -6.37 -7.12 2.25
CA ILE A 45 -5.52 -5.93 2.13
C ILE A 45 -4.08 -6.25 2.47
N GLN A 46 -3.85 -6.74 3.69
CA GLN A 46 -2.50 -7.09 4.13
C GLN A 46 -1.74 -7.82 3.04
N ARG A 47 -2.42 -8.74 2.36
CA ARG A 47 -1.80 -9.50 1.29
C ARG A 47 -1.03 -8.60 0.34
N TRP A 48 -1.61 -7.43 0.04
CA TRP A 48 -0.98 -6.47 -0.85
C TRP A 48 0.22 -5.82 -0.20
N PHE A 49 0.08 -5.49 1.09
CA PHE A 49 1.16 -4.84 1.83
C PHE A 49 2.35 -5.79 1.97
N ARG A 50 2.12 -6.95 2.57
CA ARG A 50 3.17 -7.94 2.76
C ARG A 50 3.99 -8.11 1.50
N GLN A 51 3.32 -8.17 0.36
CA GLN A 51 3.98 -8.34 -0.93
C GLN A 51 4.64 -7.04 -1.37
N ARG A 52 3.91 -5.94 -1.22
CA ARG A 52 4.42 -4.63 -1.61
C ARG A 52 5.91 -4.50 -1.27
N ARG A 53 6.23 -4.63 0.01
CA ARG A 53 7.62 -4.52 0.46
C ARG A 53 8.48 -5.58 -0.21
N ASN A 54 8.00 -6.81 -0.22
CA ASN A 54 8.73 -7.91 -0.83
C ASN A 54 9.14 -7.57 -2.26
N GLN A 55 8.24 -6.91 -2.99
CA GLN A 55 8.51 -6.52 -4.37
C GLN A 55 9.79 -5.72 -4.47
N GLU A 56 9.99 -4.81 -3.51
CA GLU A 56 11.19 -3.98 -3.50
C GLU A 56 12.40 -4.75 -4.01
N LYS A 57 12.90 -4.35 -5.18
CA LYS A 57 14.07 -5.01 -5.77
C LYS A 57 15.18 -5.17 -4.75
N PRO A 58 15.93 -6.28 -4.86
CA PRO A 58 17.04 -6.58 -3.95
C PRO A 58 18.23 -5.63 -4.16
N SER A 59 18.54 -4.84 -3.14
CA SER A 59 19.65 -3.90 -3.21
C SER A 59 20.11 -3.50 -1.82
N GLY A 60 21.41 -3.61 -1.57
CA GLY A 60 21.95 -3.25 -0.27
C GLY A 60 23.34 -3.83 -0.05
N PRO A 61 24.18 -3.08 0.68
CA PRO A 61 25.56 -3.52 0.99
C PRO A 61 25.59 -4.69 1.96
N SER A 62 26.78 -5.20 2.22
CA SER A 62 26.96 -6.32 3.14
C SER A 62 27.24 -5.83 4.55
N SER A 63 26.91 -6.66 5.53
CA SER A 63 27.13 -6.31 6.93
C SER A 63 27.91 -7.41 7.65
N GLY A 64 28.89 -7.01 8.45
CA GLY A 64 29.70 -7.97 9.18
C GLY A 64 30.87 -7.32 9.89
N GLY A 1 7.28 9.64 -13.59
CA GLY A 1 6.03 9.07 -14.06
C GLY A 1 4.84 9.52 -13.24
N SER A 2 3.98 10.33 -13.84
CA SER A 2 2.80 10.84 -13.15
C SER A 2 1.53 10.21 -13.73
N SER A 3 0.41 10.45 -13.05
CA SER A 3 -0.87 9.91 -13.48
C SER A 3 -1.73 10.98 -14.12
N GLY A 4 -1.77 12.15 -13.49
CA GLY A 4 -2.56 13.26 -14.02
C GLY A 4 -4.04 13.09 -13.72
N SER A 5 -4.58 11.93 -14.05
CA SER A 5 -6.00 11.65 -13.83
C SER A 5 -6.47 12.29 -12.52
N SER A 6 -7.73 12.70 -12.50
CA SER A 6 -8.32 13.33 -11.32
C SER A 6 -8.98 12.29 -10.43
N GLY A 7 -8.45 12.13 -9.21
CA GLY A 7 -9.00 11.18 -8.28
C GLY A 7 -8.18 9.91 -8.19
N THR A 8 -7.72 9.58 -6.99
CA THR A 8 -6.90 8.40 -6.78
C THR A 8 -7.62 7.39 -5.87
N ALA A 9 -8.91 7.20 -6.13
CA ALA A 9 -9.71 6.27 -5.35
C ALA A 9 -9.50 4.83 -5.80
N GLN A 10 -8.45 4.62 -6.60
CA GLN A 10 -8.13 3.29 -7.10
C GLN A 10 -7.83 2.32 -5.96
N PRO A 11 -7.99 1.02 -6.22
CA PRO A 11 -7.75 -0.02 -5.23
C PRO A 11 -6.26 -0.18 -4.90
N ASN A 12 -5.41 0.09 -5.89
CA ASN A 12 -3.97 -0.02 -5.71
C ASN A 12 -3.36 1.33 -5.38
N ALA A 13 -3.66 2.33 -6.23
CA ALA A 13 -3.14 3.67 -6.03
C ALA A 13 -3.11 4.04 -4.55
N ILE A 14 -4.25 3.87 -3.88
CA ILE A 14 -4.37 4.18 -2.46
C ILE A 14 -3.36 3.37 -1.64
N LEU A 15 -3.41 2.04 -1.79
CA LEU A 15 -2.52 1.17 -1.06
C LEU A 15 -1.06 1.59 -1.24
N GLU A 16 -0.79 2.28 -2.33
CA GLU A 16 0.56 2.76 -2.62
C GLU A 16 0.82 4.10 -1.94
N LYS A 17 -0.20 4.94 -1.91
CA LYS A 17 -0.08 6.25 -1.28
C LYS A 17 0.04 6.13 0.23
N VAL A 18 -0.70 5.19 0.81
CA VAL A 18 -0.66 4.97 2.25
C VAL A 18 0.59 4.20 2.65
N PHE A 19 1.33 3.71 1.66
CA PHE A 19 2.55 2.96 1.91
C PHE A 19 3.74 3.89 2.13
N THR A 20 3.65 5.08 1.55
CA THR A 20 4.73 6.07 1.67
C THR A 20 4.24 7.33 2.38
N ALA A 21 3.04 7.77 2.02
CA ALA A 21 2.46 8.97 2.62
C ALA A 21 2.18 8.76 4.10
N ILE A 22 1.90 7.51 4.48
CA ILE A 22 1.63 7.18 5.87
C ILE A 22 2.72 6.29 6.46
N THR A 23 2.83 5.07 5.95
CA THR A 23 3.83 4.12 6.43
C THR A 23 3.82 2.84 5.60
N LYS A 24 4.94 2.13 5.61
CA LYS A 24 5.06 0.89 4.85
C LYS A 24 4.49 -0.28 5.66
N HIS A 25 4.56 -0.18 6.97
CA HIS A 25 4.05 -1.23 7.85
C HIS A 25 2.85 -0.73 8.65
N PRO A 26 1.67 -0.73 8.01
CA PRO A 26 0.43 -0.28 8.65
C PRO A 26 -0.06 -1.24 9.73
N ASP A 27 -1.17 -0.90 10.36
CA ASP A 27 -1.74 -1.73 11.41
C ASP A 27 -3.21 -2.06 11.11
N GLU A 28 -3.76 -2.98 11.89
CA GLU A 28 -5.16 -3.38 11.71
C GLU A 28 -6.05 -2.18 11.43
N LYS A 29 -5.95 -1.17 12.30
CA LYS A 29 -6.73 0.04 12.14
C LYS A 29 -6.64 0.59 10.72
N ARG A 30 -5.42 0.67 10.21
CA ARG A 30 -5.19 1.16 8.85
C ARG A 30 -5.95 0.32 7.82
N LEU A 31 -5.63 -0.96 7.77
CA LEU A 31 -6.28 -1.87 6.83
C LEU A 31 -7.80 -1.77 6.94
N GLU A 32 -8.31 -1.74 8.17
CA GLU A 32 -9.75 -1.63 8.39
C GLU A 32 -10.34 -0.47 7.59
N GLY A 33 -9.59 0.63 7.52
CA GLY A 33 -10.07 1.80 6.80
C GLY A 33 -10.05 1.58 5.30
N LEU A 34 -9.01 0.90 4.81
CA LEU A 34 -8.88 0.64 3.37
C LEU A 34 -9.97 -0.31 2.90
N SER A 35 -10.33 -1.27 3.75
CA SER A 35 -11.36 -2.24 3.42
C SER A 35 -12.50 -1.58 2.64
N LYS A 36 -12.82 -0.35 3.00
CA LYS A 36 -13.88 0.39 2.33
C LYS A 36 -13.47 0.79 0.92
N GLN A 37 -12.45 1.64 0.82
CA GLN A 37 -11.96 2.10 -0.46
C GLN A 37 -11.66 0.92 -1.38
N LEU A 38 -10.82 0.01 -0.92
CA LEU A 38 -10.44 -1.17 -1.70
C LEU A 38 -11.64 -2.09 -1.88
N ASP A 39 -12.55 -2.08 -0.91
CA ASP A 39 -13.75 -2.91 -0.96
C ASP A 39 -13.38 -4.38 -0.77
N TRP A 40 -12.28 -4.62 -0.07
CA TRP A 40 -11.82 -5.98 0.20
C TRP A 40 -11.87 -6.30 1.69
N ASP A 41 -11.44 -7.50 2.06
CA ASP A 41 -11.44 -7.91 3.46
C ASP A 41 -10.14 -7.51 4.14
N VAL A 42 -10.24 -7.15 5.41
CA VAL A 42 -9.06 -6.73 6.18
C VAL A 42 -7.87 -7.64 5.90
N ARG A 43 -8.16 -8.89 5.55
CA ARG A 43 -7.11 -9.86 5.26
C ARG A 43 -6.67 -9.77 3.80
N SER A 44 -7.63 -9.49 2.92
CA SER A 44 -7.35 -9.38 1.50
C SER A 44 -6.42 -8.19 1.22
N ILE A 45 -6.46 -7.20 2.09
CA ILE A 45 -5.63 -6.01 1.94
C ILE A 45 -4.17 -6.33 2.23
N GLN A 46 -3.90 -6.84 3.43
CA GLN A 46 -2.54 -7.18 3.82
C GLN A 46 -1.79 -7.85 2.67
N ARG A 47 -2.43 -8.81 2.03
CA ARG A 47 -1.83 -9.53 0.91
C ARG A 47 -1.05 -8.57 0.01
N TRP A 48 -1.67 -7.43 -0.30
CA TRP A 48 -1.03 -6.43 -1.15
C TRP A 48 0.18 -5.82 -0.46
N PHE A 49 0.01 -5.41 0.78
CA PHE A 49 1.10 -4.81 1.55
C PHE A 49 2.28 -5.78 1.68
N ARG A 50 2.01 -6.93 2.28
CA ARG A 50 3.05 -7.95 2.46
C ARG A 50 3.81 -8.18 1.16
N GLN A 51 3.09 -8.17 0.04
CA GLN A 51 3.70 -8.39 -1.26
C GLN A 51 4.56 -7.20 -1.67
N ARG A 52 4.01 -6.00 -1.52
CA ARG A 52 4.73 -4.78 -1.88
C ARG A 52 5.97 -4.62 -1.02
N ARG A 53 5.90 -5.12 0.21
CA ARG A 53 7.03 -5.03 1.14
C ARG A 53 8.18 -5.90 0.68
N ASN A 54 7.87 -7.10 0.21
CA ASN A 54 8.88 -8.03 -0.26
C ASN A 54 9.83 -7.36 -1.25
N GLN A 55 9.26 -6.83 -2.32
CA GLN A 55 10.06 -6.15 -3.34
C GLN A 55 10.66 -4.85 -2.80
N GLU A 56 9.86 -4.11 -2.04
CA GLU A 56 10.31 -2.84 -1.46
C GLU A 56 11.76 -2.94 -1.01
N LYS A 57 12.63 -2.17 -1.67
CA LYS A 57 14.05 -2.18 -1.34
C LYS A 57 14.52 -0.79 -0.92
N PRO A 58 15.55 -0.74 -0.08
CA PRO A 58 16.11 0.54 0.41
C PRO A 58 16.85 1.30 -0.68
N SER A 59 16.25 2.39 -1.14
CA SER A 59 16.85 3.21 -2.18
C SER A 59 18.18 3.79 -1.73
N GLY A 60 18.97 4.27 -2.68
CA GLY A 60 20.27 4.83 -2.36
C GLY A 60 21.42 4.00 -2.89
N PRO A 61 21.96 3.11 -2.04
CA PRO A 61 23.08 2.23 -2.41
C PRO A 61 22.67 1.16 -3.42
N SER A 62 23.59 0.78 -4.29
CA SER A 62 23.32 -0.23 -5.31
C SER A 62 23.22 -1.61 -4.68
N SER A 63 24.12 -1.90 -3.74
CA SER A 63 24.14 -3.19 -3.07
C SER A 63 22.86 -3.40 -2.26
N GLY A 64 22.14 -4.48 -2.57
CA GLY A 64 20.91 -4.76 -1.86
C GLY A 64 20.32 -6.11 -2.25
N GLY A 1 6.64 11.73 -12.43
CA GLY A 1 7.83 11.44 -13.20
C GLY A 1 7.55 10.59 -14.42
N SER A 2 8.37 9.57 -14.64
CA SER A 2 8.20 8.69 -15.79
C SER A 2 6.73 8.37 -16.01
N SER A 3 6.08 7.82 -14.98
CA SER A 3 4.67 7.45 -15.07
C SER A 3 3.80 8.49 -14.36
N GLY A 4 4.22 8.87 -13.16
CA GLY A 4 3.46 9.85 -12.39
C GLY A 4 2.38 9.22 -11.54
N SER A 5 1.17 9.78 -11.61
CA SER A 5 0.05 9.27 -10.84
C SER A 5 -0.66 8.14 -11.59
N SER A 6 -1.52 7.42 -10.89
CA SER A 6 -2.26 6.31 -11.49
C SER A 6 -3.76 6.53 -11.37
N GLY A 7 -4.24 6.67 -10.13
CA GLY A 7 -5.65 6.89 -9.90
C GLY A 7 -5.93 7.57 -8.59
N THR A 8 -7.20 7.79 -8.28
CA THR A 8 -7.60 8.43 -7.04
C THR A 8 -8.33 7.47 -6.12
N ALA A 9 -9.22 6.66 -6.70
CA ALA A 9 -9.99 5.68 -5.94
C ALA A 9 -9.55 4.26 -6.26
N GLN A 10 -8.50 4.14 -7.08
CA GLN A 10 -7.99 2.84 -7.46
C GLN A 10 -7.59 2.02 -6.24
N PRO A 11 -7.74 0.69 -6.33
CA PRO A 11 -7.41 -0.23 -5.24
C PRO A 11 -5.90 -0.31 -5.00
N ASN A 12 -5.13 -0.01 -6.03
CA ASN A 12 -3.67 -0.06 -5.93
C ASN A 12 -3.10 1.32 -5.61
N ALA A 13 -3.52 2.32 -6.36
CA ALA A 13 -3.06 3.69 -6.15
C ALA A 13 -3.14 4.07 -4.68
N ILE A 14 -4.32 3.95 -4.09
CA ILE A 14 -4.51 4.28 -2.69
C ILE A 14 -3.50 3.56 -1.80
N LEU A 15 -3.46 2.25 -1.91
CA LEU A 15 -2.53 1.44 -1.11
C LEU A 15 -1.11 2.02 -1.20
N GLU A 16 -0.68 2.34 -2.42
CA GLU A 16 0.64 2.89 -2.64
C GLU A 16 0.78 4.25 -1.95
N LYS A 17 -0.33 4.94 -1.77
CA LYS A 17 -0.34 6.24 -1.13
C LYS A 17 -0.24 6.10 0.39
N VAL A 18 -1.07 5.23 0.95
CA VAL A 18 -1.08 5.00 2.39
C VAL A 18 0.17 4.24 2.83
N PHE A 19 0.96 3.79 1.86
CA PHE A 19 2.19 3.05 2.15
C PHE A 19 3.34 4.00 2.48
N THR A 20 3.43 5.09 1.72
CA THR A 20 4.48 6.07 1.93
C THR A 20 3.93 7.33 2.61
N ALA A 21 2.71 7.71 2.22
CA ALA A 21 2.08 8.90 2.79
C ALA A 21 1.81 8.71 4.28
N ILE A 22 1.35 7.50 4.65
CA ILE A 22 1.05 7.20 6.04
C ILE A 22 2.14 6.33 6.66
N THR A 23 2.27 5.10 6.14
CA THR A 23 3.28 4.17 6.63
C THR A 23 3.30 2.90 5.80
N LYS A 24 4.48 2.27 5.71
CA LYS A 24 4.64 1.04 4.95
C LYS A 24 4.12 -0.16 5.73
N HIS A 25 4.18 -0.07 7.06
CA HIS A 25 3.71 -1.14 7.92
C HIS A 25 2.52 -0.70 8.75
N PRO A 26 1.32 -0.73 8.14
CA PRO A 26 0.07 -0.33 8.80
C PRO A 26 -0.35 -1.33 9.88
N ASP A 27 -1.42 -1.00 10.59
CA ASP A 27 -1.93 -1.86 11.65
C ASP A 27 -3.20 -2.57 11.21
N GLU A 28 -3.63 -3.56 11.99
CA GLU A 28 -4.82 -4.32 11.67
C GLU A 28 -6.05 -3.41 11.61
N LYS A 29 -5.97 -2.27 12.30
CA LYS A 29 -7.07 -1.31 12.31
C LYS A 29 -6.98 -0.35 11.13
N ARG A 30 -5.82 0.27 10.97
CA ARG A 30 -5.61 1.21 9.87
C ARG A 30 -6.11 0.64 8.55
N LEU A 31 -5.80 -0.64 8.32
CA LEU A 31 -6.22 -1.31 7.09
C LEU A 31 -7.72 -1.16 6.88
N GLU A 32 -8.48 -1.28 7.97
CA GLU A 32 -9.94 -1.15 7.89
C GLU A 32 -10.34 0.00 6.99
N GLY A 33 -9.66 1.14 7.16
CA GLY A 33 -9.96 2.30 6.35
C GLY A 33 -9.90 2.02 4.87
N LEU A 34 -8.98 1.14 4.47
CA LEU A 34 -8.83 0.79 3.06
C LEU A 34 -9.89 -0.22 2.63
N SER A 35 -10.20 -1.16 3.52
CA SER A 35 -11.20 -2.18 3.23
C SER A 35 -12.42 -1.56 2.56
N LYS A 36 -12.66 -0.29 2.83
CA LYS A 36 -13.80 0.42 2.25
C LYS A 36 -13.51 0.82 0.82
N GLN A 37 -12.30 1.33 0.58
CA GLN A 37 -11.91 1.77 -0.76
C GLN A 37 -11.59 0.56 -1.64
N LEU A 38 -10.70 -0.30 -1.16
CA LEU A 38 -10.31 -1.50 -1.90
C LEU A 38 -11.48 -2.47 -2.02
N ASP A 39 -12.45 -2.32 -1.14
CA ASP A 39 -13.63 -3.19 -1.15
C ASP A 39 -13.23 -4.63 -0.84
N TRP A 40 -12.13 -4.80 -0.13
CA TRP A 40 -11.65 -6.13 0.23
C TRP A 40 -11.69 -6.34 1.73
N ASP A 41 -11.38 -7.57 2.16
CA ASP A 41 -11.38 -7.90 3.59
C ASP A 41 -10.16 -7.30 4.28
N VAL A 42 -10.34 -6.85 5.52
CA VAL A 42 -9.25 -6.27 6.29
C VAL A 42 -7.96 -7.08 6.12
N ARG A 43 -8.11 -8.38 5.89
CA ARG A 43 -6.96 -9.26 5.71
C ARG A 43 -6.51 -9.28 4.25
N SER A 44 -7.48 -9.26 3.34
CA SER A 44 -7.18 -9.29 1.92
C SER A 44 -6.25 -8.14 1.53
N ILE A 45 -6.25 -7.09 2.34
CA ILE A 45 -5.40 -5.94 2.10
C ILE A 45 -3.94 -6.25 2.40
N GLN A 46 -3.67 -6.69 3.63
CA GLN A 46 -2.32 -7.02 4.05
C GLN A 46 -1.58 -7.77 2.94
N ARG A 47 -2.27 -8.69 2.28
CA ARG A 47 -1.68 -9.47 1.21
C ARG A 47 -0.97 -8.56 0.21
N TRP A 48 -1.60 -7.44 -0.13
CA TRP A 48 -1.03 -6.49 -1.07
C TRP A 48 0.23 -5.85 -0.49
N PHE A 49 0.16 -5.47 0.78
CA PHE A 49 1.29 -4.84 1.44
C PHE A 49 2.48 -5.81 1.56
N ARG A 50 2.27 -6.90 2.28
CA ARG A 50 3.31 -7.90 2.47
C ARG A 50 3.90 -8.33 1.14
N GLN A 51 3.05 -8.43 0.12
CA GLN A 51 3.49 -8.82 -1.21
C GLN A 51 4.37 -7.75 -1.84
N ARG A 52 4.03 -6.50 -1.58
CA ARG A 52 4.78 -5.37 -2.13
C ARG A 52 6.10 -5.19 -1.37
N ARG A 53 5.99 -4.96 -0.06
CA ARG A 53 7.16 -4.76 0.78
C ARG A 53 8.27 -5.73 0.39
N ASN A 54 7.88 -6.92 -0.06
CA ASN A 54 8.85 -7.94 -0.47
C ASN A 54 9.71 -7.45 -1.62
N GLN A 55 9.06 -7.01 -2.70
CA GLN A 55 9.77 -6.52 -3.87
C GLN A 55 10.39 -5.16 -3.60
N GLU A 56 9.69 -4.34 -2.82
CA GLU A 56 10.16 -3.01 -2.49
C GLU A 56 11.53 -3.07 -1.83
N LYS A 57 12.58 -2.82 -2.60
CA LYS A 57 13.94 -2.85 -2.08
C LYS A 57 14.31 -1.53 -1.43
N PRO A 58 15.13 -1.59 -0.37
CA PRO A 58 15.57 -0.41 0.37
C PRO A 58 16.53 0.45 -0.45
N SER A 59 16.46 1.77 -0.25
CA SER A 59 17.32 2.70 -0.98
C SER A 59 18.77 2.53 -0.54
N GLY A 60 19.67 3.20 -1.25
CA GLY A 60 21.08 3.11 -0.93
C GLY A 60 21.95 2.92 -2.16
N PRO A 61 23.25 3.25 -2.03
CA PRO A 61 24.20 3.12 -3.13
C PRO A 61 24.52 1.66 -3.46
N SER A 62 24.05 0.75 -2.60
CA SER A 62 24.28 -0.67 -2.79
C SER A 62 23.01 -1.38 -3.24
N SER A 63 23.03 -1.91 -4.45
CA SER A 63 21.88 -2.62 -5.01
C SER A 63 21.24 -3.53 -3.97
N GLY A 64 20.02 -3.97 -4.25
CA GLY A 64 19.32 -4.85 -3.32
C GLY A 64 18.47 -4.08 -2.33
N GLY A 1 7.31 11.71 -8.17
CA GLY A 1 6.63 10.45 -7.94
C GLY A 1 5.96 10.40 -6.57
N SER A 2 6.65 10.87 -5.55
CA SER A 2 6.12 10.88 -4.20
C SER A 2 5.13 12.02 -4.00
N SER A 3 5.60 13.25 -4.20
CA SER A 3 4.76 14.43 -4.04
C SER A 3 3.65 14.45 -5.09
N GLY A 4 2.64 15.28 -4.87
CA GLY A 4 1.54 15.38 -5.80
C GLY A 4 0.22 14.99 -5.18
N SER A 5 -0.74 15.91 -5.18
CA SER A 5 -2.06 15.66 -4.61
C SER A 5 -3.04 15.23 -5.69
N SER A 6 -2.59 14.37 -6.59
CA SER A 6 -3.43 13.89 -7.68
C SER A 6 -4.62 13.09 -7.14
N GLY A 7 -5.66 12.97 -7.95
CA GLY A 7 -6.84 12.23 -7.53
C GLY A 7 -6.84 10.80 -8.04
N THR A 8 -6.55 9.86 -7.14
CA THR A 8 -6.52 8.45 -7.50
C THR A 8 -7.31 7.61 -6.51
N ALA A 9 -8.35 6.95 -6.99
CA ALA A 9 -9.18 6.11 -6.14
C ALA A 9 -8.99 4.63 -6.48
N GLN A 10 -7.96 4.34 -7.26
CA GLN A 10 -7.67 2.96 -7.65
C GLN A 10 -7.47 2.08 -6.43
N PRO A 11 -7.60 0.76 -6.62
CA PRO A 11 -7.45 -0.22 -5.54
C PRO A 11 -5.99 -0.35 -5.09
N ASN A 12 -5.08 -0.28 -6.04
CA ASN A 12 -3.65 -0.39 -5.74
C ASN A 12 -3.04 0.98 -5.49
N ALA A 13 -3.39 1.94 -6.34
CA ALA A 13 -2.87 3.30 -6.21
C ALA A 13 -2.95 3.78 -4.76
N ILE A 14 -4.13 3.65 -4.17
CA ILE A 14 -4.34 4.07 -2.79
C ILE A 14 -3.45 3.29 -1.84
N LEU A 15 -3.37 1.97 -2.03
CA LEU A 15 -2.56 1.11 -1.19
C LEU A 15 -1.11 1.61 -1.16
N GLU A 16 -0.67 2.20 -2.25
CA GLU A 16 0.69 2.73 -2.35
C GLU A 16 0.82 4.06 -1.60
N LYS A 17 -0.14 4.95 -1.85
CA LYS A 17 -0.13 6.26 -1.21
C LYS A 17 -0.14 6.12 0.31
N VAL A 18 -0.94 5.19 0.81
CA VAL A 18 -1.04 4.95 2.24
C VAL A 18 0.13 4.11 2.75
N PHE A 19 0.92 3.59 1.81
CA PHE A 19 2.07 2.77 2.16
C PHE A 19 3.29 3.65 2.43
N THR A 20 3.32 4.83 1.82
CA THR A 20 4.43 5.75 1.99
C THR A 20 3.97 7.06 2.61
N ALA A 21 2.85 7.58 2.12
CA ALA A 21 2.29 8.83 2.62
C ALA A 21 1.85 8.69 4.07
N ILE A 22 1.46 7.48 4.46
CA ILE A 22 1.02 7.21 5.82
C ILE A 22 2.01 6.32 6.55
N THR A 23 2.10 5.06 6.10
CA THR A 23 3.00 4.09 6.72
C THR A 23 3.08 2.81 5.90
N LYS A 24 4.27 2.23 5.82
CA LYS A 24 4.47 0.99 5.07
C LYS A 24 3.89 -0.20 5.83
N HIS A 25 4.03 -0.17 7.14
CA HIS A 25 3.52 -1.26 7.99
C HIS A 25 2.33 -0.79 8.82
N PRO A 26 1.14 -0.80 8.20
CA PRO A 26 -0.10 -0.38 8.87
C PRO A 26 -0.53 -1.36 9.95
N ASP A 27 -1.49 -0.94 10.77
CA ASP A 27 -1.99 -1.78 11.85
C ASP A 27 -3.32 -2.43 11.46
N GLU A 28 -3.73 -3.43 12.22
CA GLU A 28 -4.98 -4.14 11.95
C GLU A 28 -6.12 -3.15 11.69
N LYS A 29 -6.11 -2.05 12.44
CA LYS A 29 -7.14 -1.02 12.29
C LYS A 29 -6.86 -0.14 11.08
N ARG A 30 -5.65 0.41 11.02
CA ARG A 30 -5.26 1.27 9.90
C ARG A 30 -5.70 0.67 8.57
N LEU A 31 -5.73 -0.65 8.51
CA LEU A 31 -6.12 -1.35 7.29
C LEU A 31 -7.63 -1.23 7.06
N GLU A 32 -8.40 -1.46 8.12
CA GLU A 32 -9.85 -1.37 8.04
C GLU A 32 -10.28 -0.19 7.18
N GLY A 33 -9.49 0.89 7.22
CA GLY A 33 -9.81 2.07 6.44
C GLY A 33 -9.80 1.81 4.95
N LEU A 34 -8.78 1.08 4.49
CA LEU A 34 -8.66 0.76 3.08
C LEU A 34 -9.76 -0.20 2.64
N SER A 35 -10.11 -1.13 3.51
CA SER A 35 -11.15 -2.11 3.21
C SER A 35 -12.30 -1.46 2.44
N LYS A 36 -12.51 -0.17 2.67
CA LYS A 36 -13.57 0.56 2.00
C LYS A 36 -13.20 0.85 0.55
N GLN A 37 -12.19 1.69 0.36
CA GLN A 37 -11.73 2.05 -0.98
C GLN A 37 -11.43 0.80 -1.81
N LEU A 38 -10.68 -0.13 -1.21
CA LEU A 38 -10.31 -1.36 -1.89
C LEU A 38 -11.52 -2.29 -1.99
N ASP A 39 -12.48 -2.12 -1.10
CA ASP A 39 -13.69 -2.95 -1.11
C ASP A 39 -13.35 -4.40 -0.82
N TRP A 40 -12.26 -4.62 -0.08
CA TRP A 40 -11.83 -5.97 0.26
C TRP A 40 -11.91 -6.21 1.77
N ASP A 41 -11.46 -7.38 2.20
CA ASP A 41 -11.48 -7.73 3.62
C ASP A 41 -10.15 -7.36 4.28
N VAL A 42 -10.21 -6.89 5.51
CA VAL A 42 -9.02 -6.50 6.25
C VAL A 42 -7.88 -7.47 6.00
N ARG A 43 -8.23 -8.71 5.65
CA ARG A 43 -7.23 -9.74 5.37
C ARG A 43 -6.71 -9.62 3.95
N SER A 44 -7.61 -9.36 3.01
CA SER A 44 -7.24 -9.22 1.61
C SER A 44 -6.28 -8.06 1.40
N ILE A 45 -6.40 -7.05 2.26
CA ILE A 45 -5.54 -5.87 2.18
C ILE A 45 -4.11 -6.21 2.55
N GLN A 46 -3.91 -6.67 3.78
CA GLN A 46 -2.57 -7.03 4.26
C GLN A 46 -1.81 -7.82 3.19
N ARG A 47 -2.53 -8.69 2.48
CA ARG A 47 -1.93 -9.50 1.44
C ARG A 47 -1.15 -8.64 0.45
N TRP A 48 -1.76 -7.52 0.04
CA TRP A 48 -1.13 -6.61 -0.89
C TRP A 48 0.09 -5.93 -0.28
N PHE A 49 -0.08 -5.43 0.95
CA PHE A 49 1.02 -4.77 1.64
C PHE A 49 2.24 -5.68 1.74
N ARG A 50 2.05 -6.83 2.40
CA ARG A 50 3.14 -7.79 2.57
C ARG A 50 3.81 -8.08 1.24
N GLN A 51 3.05 -8.00 0.16
CA GLN A 51 3.57 -8.27 -1.17
C GLN A 51 4.47 -7.12 -1.64
N ARG A 52 4.02 -5.89 -1.41
CA ARG A 52 4.78 -4.71 -1.81
C ARG A 52 6.15 -4.71 -1.15
N ARG A 53 6.16 -4.72 0.18
CA ARG A 53 7.41 -4.71 0.94
C ARG A 53 8.46 -5.59 0.27
N ASN A 54 8.03 -6.74 -0.22
CA ASN A 54 8.93 -7.68 -0.89
C ASN A 54 9.46 -7.09 -2.19
N GLN A 55 8.55 -6.57 -3.00
CA GLN A 55 8.93 -5.97 -4.29
C GLN A 55 9.87 -4.79 -4.07
N GLU A 56 9.53 -3.92 -3.13
CA GLU A 56 10.35 -2.75 -2.84
C GLU A 56 11.00 -2.87 -1.46
N LYS A 57 12.31 -2.98 -1.44
CA LYS A 57 13.05 -3.11 -0.18
C LYS A 57 14.19 -2.09 -0.12
N PRO A 58 14.42 -1.52 1.07
CA PRO A 58 15.47 -0.54 1.29
C PRO A 58 16.87 -1.15 1.21
N SER A 59 17.89 -0.30 1.28
CA SER A 59 19.27 -0.75 1.20
C SER A 59 19.48 -2.02 2.02
N GLY A 60 19.17 -1.92 3.32
CA GLY A 60 19.33 -3.07 4.20
C GLY A 60 20.21 -2.77 5.39
N PRO A 61 21.51 -2.60 5.13
CA PRO A 61 22.50 -2.29 6.19
C PRO A 61 22.32 -0.89 6.76
N SER A 62 21.37 -0.14 6.22
CA SER A 62 21.10 1.21 6.67
C SER A 62 21.08 1.28 8.20
N SER A 63 20.30 0.39 8.82
CA SER A 63 20.20 0.34 10.26
C SER A 63 21.48 -0.19 10.89
N GLY A 64 22.01 0.54 11.87
CA GLY A 64 23.23 0.12 12.53
C GLY A 64 24.45 0.88 12.05
N GLY A 1 8.37 11.51 -19.27
CA GLY A 1 7.91 12.55 -18.36
C GLY A 1 7.14 11.98 -17.18
N SER A 2 5.94 12.50 -16.96
CA SER A 2 5.09 12.04 -15.86
C SER A 2 3.71 11.65 -16.37
N SER A 3 3.11 10.65 -15.72
CA SER A 3 1.78 10.18 -16.11
C SER A 3 0.83 10.23 -14.91
N GLY A 4 -0.31 10.90 -15.10
CA GLY A 4 -1.28 11.01 -14.04
C GLY A 4 -2.65 10.49 -14.45
N SER A 5 -3.32 9.81 -13.53
CA SER A 5 -4.64 9.24 -13.81
C SER A 5 -5.73 10.06 -13.14
N SER A 6 -6.62 10.64 -13.94
CA SER A 6 -7.71 11.45 -13.43
C SER A 6 -8.31 10.83 -12.17
N GLY A 7 -8.58 9.52 -12.25
CA GLY A 7 -9.16 8.82 -11.11
C GLY A 7 -8.10 8.26 -10.18
N THR A 8 -8.08 8.74 -8.94
CA THR A 8 -7.12 8.28 -7.95
C THR A 8 -7.79 7.45 -6.87
N ALA A 9 -8.69 6.57 -7.28
CA ALA A 9 -9.42 5.71 -6.35
C ALA A 9 -9.07 4.24 -6.57
N GLN A 10 -8.01 3.99 -7.34
CA GLN A 10 -7.58 2.64 -7.63
C GLN A 10 -7.30 1.86 -6.35
N PRO A 11 -7.46 0.53 -6.41
CA PRO A 11 -7.22 -0.35 -5.26
C PRO A 11 -5.75 -0.45 -4.90
N ASN A 12 -4.88 -0.24 -5.88
CA ASN A 12 -3.44 -0.30 -5.66
C ASN A 12 -2.87 1.10 -5.45
N ALA A 13 -3.27 2.04 -6.30
CA ALA A 13 -2.79 3.41 -6.20
C ALA A 13 -2.89 3.92 -4.77
N ILE A 14 -4.03 3.67 -4.13
CA ILE A 14 -4.25 4.12 -2.76
C ILE A 14 -3.31 3.40 -1.80
N LEU A 15 -3.38 2.07 -1.78
CA LEU A 15 -2.55 1.26 -0.91
C LEU A 15 -1.09 1.72 -0.99
N GLU A 16 -0.63 1.98 -2.21
CA GLU A 16 0.75 2.42 -2.41
C GLU A 16 0.98 3.79 -1.80
N LYS A 17 -0.07 4.59 -1.74
CA LYS A 17 0.02 5.93 -1.17
C LYS A 17 0.20 5.87 0.34
N VAL A 18 -0.78 5.28 1.02
CA VAL A 18 -0.74 5.15 2.47
C VAL A 18 0.48 4.34 2.91
N PHE A 19 1.18 3.76 1.95
CA PHE A 19 2.37 2.96 2.24
C PHE A 19 3.58 3.87 2.46
N THR A 20 3.52 5.07 1.91
CA THR A 20 4.61 6.03 2.04
C THR A 20 4.14 7.30 2.76
N ALA A 21 2.97 7.79 2.38
CA ALA A 21 2.42 8.99 2.98
C ALA A 21 2.15 8.78 4.47
N ILE A 22 1.74 7.57 4.82
CA ILE A 22 1.45 7.24 6.21
C ILE A 22 2.55 6.38 6.82
N THR A 23 2.70 5.17 6.30
CA THR A 23 3.72 4.25 6.78
C THR A 23 3.76 2.98 5.94
N LYS A 24 4.88 2.26 6.02
CA LYS A 24 5.04 1.02 5.27
C LYS A 24 4.43 -0.16 6.02
N HIS A 25 4.43 -0.07 7.34
CA HIS A 25 3.87 -1.12 8.18
C HIS A 25 2.62 -0.63 8.91
N PRO A 26 1.47 -0.65 8.23
CA PRO A 26 0.20 -0.21 8.79
C PRO A 26 -0.32 -1.17 9.85
N ASP A 27 -1.25 -0.69 10.67
CA ASP A 27 -1.83 -1.49 11.73
C ASP A 27 -3.21 -2.02 11.33
N GLU A 28 -3.83 -2.78 12.21
CA GLU A 28 -5.15 -3.34 11.94
C GLU A 28 -6.15 -2.23 11.63
N LYS A 29 -6.20 -1.22 12.50
CA LYS A 29 -7.11 -0.10 12.31
C LYS A 29 -6.91 0.55 10.95
N ARG A 30 -5.72 0.39 10.39
CA ARG A 30 -5.39 0.97 9.09
C ARG A 30 -6.01 0.14 7.97
N LEU A 31 -5.67 -1.14 7.92
CA LEU A 31 -6.19 -2.03 6.89
C LEU A 31 -7.72 -1.97 6.83
N GLU A 32 -8.35 -2.01 8.01
CA GLU A 32 -9.81 -1.96 8.09
C GLU A 32 -10.33 -0.70 7.41
N GLY A 33 -9.55 0.38 7.46
CA GLY A 33 -9.97 1.62 6.85
C GLY A 33 -10.00 1.54 5.34
N LEU A 34 -8.91 1.06 4.75
CA LEU A 34 -8.81 0.93 3.29
C LEU A 34 -9.92 0.02 2.75
N SER A 35 -10.23 -1.03 3.50
CA SER A 35 -11.27 -1.97 3.10
C SER A 35 -12.40 -1.25 2.38
N LYS A 36 -12.72 -0.04 2.82
CA LYS A 36 -13.77 0.75 2.22
C LYS A 36 -13.49 1.02 0.75
N GLN A 37 -12.33 1.62 0.48
CA GLN A 37 -11.93 1.93 -0.89
C GLN A 37 -11.64 0.65 -1.68
N LEU A 38 -10.76 -0.18 -1.13
CA LEU A 38 -10.38 -1.44 -1.78
C LEU A 38 -11.59 -2.38 -1.87
N ASP A 39 -12.53 -2.22 -0.95
CA ASP A 39 -13.72 -3.05 -0.93
C ASP A 39 -13.36 -4.52 -0.67
N TRP A 40 -12.24 -4.73 0.02
CA TRP A 40 -11.79 -6.08 0.32
C TRP A 40 -11.82 -6.34 1.82
N ASP A 41 -11.47 -7.56 2.22
CA ASP A 41 -11.45 -7.93 3.63
C ASP A 41 -10.18 -7.43 4.32
N VAL A 42 -10.31 -7.01 5.57
CA VAL A 42 -9.18 -6.51 6.33
C VAL A 42 -7.93 -7.37 6.11
N ARG A 43 -8.15 -8.66 5.90
CA ARG A 43 -7.05 -9.59 5.67
C ARG A 43 -6.63 -9.58 4.20
N SER A 44 -7.61 -9.41 3.31
CA SER A 44 -7.33 -9.39 1.88
C SER A 44 -6.39 -8.24 1.51
N ILE A 45 -6.45 -7.17 2.30
CA ILE A 45 -5.60 -6.01 2.07
C ILE A 45 -4.15 -6.33 2.35
N GLN A 46 -3.88 -6.86 3.54
CA GLN A 46 -2.52 -7.22 3.94
C GLN A 46 -1.78 -7.88 2.79
N ARG A 47 -2.43 -8.84 2.14
CA ARG A 47 -1.84 -9.57 1.03
C ARG A 47 -1.10 -8.61 0.09
N TRP A 48 -1.71 -7.46 -0.16
CA TRP A 48 -1.11 -6.45 -1.04
C TRP A 48 0.08 -5.79 -0.37
N PHE A 49 -0.09 -5.42 0.90
CA PHE A 49 0.97 -4.77 1.66
C PHE A 49 2.20 -5.67 1.76
N ARG A 50 2.00 -6.86 2.34
CA ARG A 50 3.09 -7.81 2.50
C ARG A 50 3.77 -8.09 1.16
N GLN A 51 2.97 -8.24 0.12
CA GLN A 51 3.50 -8.51 -1.21
C GLN A 51 4.29 -7.32 -1.75
N ARG A 52 3.73 -6.12 -1.56
CA ARG A 52 4.38 -4.91 -2.02
C ARG A 52 5.78 -4.77 -1.42
N ARG A 53 5.85 -4.67 -0.10
CA ARG A 53 7.13 -4.54 0.59
C ARG A 53 8.20 -5.39 -0.07
N ASN A 54 7.94 -6.69 -0.17
CA ASN A 54 8.90 -7.61 -0.78
C ASN A 54 9.55 -6.98 -2.01
N GLN A 55 8.74 -6.33 -2.84
CA GLN A 55 9.25 -5.67 -4.04
C GLN A 55 10.41 -4.75 -3.70
N GLU A 56 10.23 -3.91 -2.68
CA GLU A 56 11.26 -2.97 -2.27
C GLU A 56 11.69 -3.24 -0.83
N LYS A 57 12.98 -3.56 -0.66
CA LYS A 57 13.52 -3.84 0.67
C LYS A 57 13.39 -2.62 1.58
N PRO A 58 13.28 -2.87 2.90
CA PRO A 58 13.14 -1.81 3.90
C PRO A 58 14.43 -1.00 4.06
N SER A 59 15.49 -1.44 3.39
CA SER A 59 16.78 -0.76 3.46
C SER A 59 17.06 0.00 2.18
N GLY A 60 17.57 1.22 2.31
CA GLY A 60 17.87 2.03 1.15
C GLY A 60 17.79 3.51 1.44
N PRO A 61 18.36 4.33 0.53
CA PRO A 61 18.36 5.79 0.67
C PRO A 61 16.97 6.39 0.49
N SER A 62 16.79 7.61 0.97
CA SER A 62 15.51 8.30 0.87
C SER A 62 15.56 9.41 -0.17
N SER A 63 14.59 9.41 -1.08
CA SER A 63 14.54 10.42 -2.14
C SER A 63 14.59 11.82 -1.55
N GLY A 64 14.84 12.80 -2.41
CA GLY A 64 14.92 14.18 -1.96
C GLY A 64 16.24 14.50 -1.31
N GLY A 1 4.66 -0.74 -14.28
CA GLY A 1 5.05 0.42 -13.50
C GLY A 1 5.17 1.68 -14.35
N SER A 2 4.04 2.12 -14.90
CA SER A 2 4.03 3.32 -15.74
C SER A 2 3.93 4.58 -14.89
N SER A 3 4.13 5.73 -15.53
CA SER A 3 4.08 7.00 -14.83
C SER A 3 2.90 7.04 -13.84
N GLY A 4 3.20 7.40 -12.60
CA GLY A 4 2.17 7.46 -11.58
C GLY A 4 1.12 6.39 -11.76
N SER A 5 -0.13 6.80 -11.86
CA SER A 5 -1.24 5.86 -12.02
C SER A 5 -2.53 6.59 -12.41
N SER A 6 -3.34 5.95 -13.24
CA SER A 6 -4.60 6.54 -13.68
C SER A 6 -5.77 5.99 -12.87
N GLY A 7 -6.01 6.60 -11.71
CA GLY A 7 -7.11 6.16 -10.86
C GLY A 7 -6.99 6.71 -9.45
N THR A 8 -7.93 7.58 -9.08
CA THR A 8 -7.92 8.18 -7.74
C THR A 8 -8.52 7.22 -6.72
N ALA A 9 -9.36 6.32 -7.18
CA ALA A 9 -10.02 5.34 -6.31
C ALA A 9 -9.44 3.95 -6.52
N GLN A 10 -8.32 3.87 -7.23
CA GLN A 10 -7.68 2.59 -7.50
C GLN A 10 -7.34 1.86 -6.21
N PRO A 11 -7.53 0.54 -6.21
CA PRO A 11 -7.25 -0.31 -5.04
C PRO A 11 -5.75 -0.42 -4.76
N ASN A 12 -4.94 -0.31 -5.81
CA ASN A 12 -3.50 -0.41 -5.68
C ASN A 12 -2.89 0.95 -5.36
N ALA A 13 -3.37 1.98 -6.05
CA ALA A 13 -2.88 3.34 -5.85
C ALA A 13 -3.06 3.78 -4.40
N ILE A 14 -4.30 3.73 -3.93
CA ILE A 14 -4.60 4.11 -2.55
C ILE A 14 -3.71 3.38 -1.56
N LEU A 15 -3.44 2.11 -1.84
CA LEU A 15 -2.60 1.30 -0.97
C LEU A 15 -1.18 1.83 -0.94
N GLU A 16 -0.68 2.22 -2.12
CA GLU A 16 0.68 2.74 -2.23
C GLU A 16 0.83 4.03 -1.43
N LYS A 17 -0.24 4.82 -1.37
CA LYS A 17 -0.23 6.08 -0.64
C LYS A 17 0.05 5.84 0.84
N VAL A 18 -0.75 4.98 1.46
CA VAL A 18 -0.59 4.68 2.87
C VAL A 18 0.67 3.85 3.11
N PHE A 19 1.31 3.43 2.03
CA PHE A 19 2.54 2.64 2.13
C PHE A 19 3.74 3.53 2.43
N THR A 20 3.82 4.65 1.72
CA THR A 20 4.93 5.59 1.91
C THR A 20 4.48 6.82 2.67
N ALA A 21 3.24 7.26 2.41
CA ALA A 21 2.70 8.43 3.08
C ALA A 21 2.58 8.20 4.58
N ILE A 22 2.20 6.99 4.95
CA ILE A 22 2.04 6.64 6.36
C ILE A 22 3.12 5.67 6.81
N THR A 23 3.08 4.45 6.27
CA THR A 23 4.06 3.44 6.61
C THR A 23 3.88 2.18 5.76
N LYS A 24 4.86 1.30 5.80
CA LYS A 24 4.81 0.06 5.03
C LYS A 24 4.07 -1.03 5.80
N HIS A 25 4.07 -0.90 7.13
CA HIS A 25 3.40 -1.87 7.99
C HIS A 25 2.25 -1.22 8.76
N PRO A 26 1.11 -1.04 8.10
CA PRO A 26 -0.07 -0.43 8.70
C PRO A 26 -0.72 -1.32 9.76
N ASP A 27 -1.46 -0.70 10.67
CA ASP A 27 -2.12 -1.44 11.74
C ASP A 27 -3.52 -1.88 11.31
N GLU A 28 -4.17 -2.69 12.14
CA GLU A 28 -5.51 -3.18 11.84
C GLU A 28 -6.46 -2.03 11.55
N LYS A 29 -6.47 -1.04 12.44
CA LYS A 29 -7.33 0.12 12.29
C LYS A 29 -7.06 0.84 10.97
N ARG A 30 -5.81 0.78 10.51
CA ARG A 30 -5.41 1.42 9.26
C ARG A 30 -5.98 0.65 8.07
N LEU A 31 -5.77 -0.66 8.06
CA LEU A 31 -6.25 -1.50 6.98
C LEU A 31 -7.76 -1.37 6.82
N GLU A 32 -8.48 -1.54 7.92
CA GLU A 32 -9.94 -1.44 7.90
C GLU A 32 -10.40 -0.29 7.01
N GLY A 33 -9.85 0.89 7.25
CA GLY A 33 -10.21 2.05 6.46
C GLY A 33 -10.19 1.76 4.96
N LEU A 34 -9.09 1.20 4.49
CA LEU A 34 -8.95 0.87 3.08
C LEU A 34 -10.02 -0.13 2.64
N SER A 35 -10.24 -1.14 3.47
CA SER A 35 -11.23 -2.17 3.17
C SER A 35 -12.42 -1.58 2.42
N LYS A 36 -12.79 -0.36 2.78
CA LYS A 36 -13.92 0.34 2.15
C LYS A 36 -13.59 0.68 0.69
N GLN A 37 -12.49 1.39 0.50
CA GLN A 37 -12.06 1.78 -0.85
C GLN A 37 -11.73 0.55 -1.69
N LEU A 38 -10.88 -0.32 -1.15
CA LEU A 38 -10.48 -1.52 -1.85
C LEU A 38 -11.64 -2.51 -1.96
N ASP A 39 -12.62 -2.37 -1.06
CA ASP A 39 -13.78 -3.25 -1.04
C ASP A 39 -13.37 -4.68 -0.73
N TRP A 40 -12.28 -4.84 -0.01
CA TRP A 40 -11.79 -6.17 0.36
C TRP A 40 -11.83 -6.36 1.87
N ASP A 41 -11.40 -7.54 2.32
CA ASP A 41 -11.39 -7.85 3.74
C ASP A 41 -10.07 -7.42 4.38
N VAL A 42 -10.11 -7.10 5.67
CA VAL A 42 -8.92 -6.67 6.39
C VAL A 42 -7.74 -7.61 6.12
N ARG A 43 -8.06 -8.86 5.80
CA ARG A 43 -7.04 -9.86 5.51
C ARG A 43 -6.59 -9.78 4.06
N SER A 44 -7.53 -9.47 3.18
CA SER A 44 -7.24 -9.37 1.75
C SER A 44 -6.33 -8.19 1.46
N ILE A 45 -6.38 -7.19 2.34
CA ILE A 45 -5.56 -5.99 2.18
C ILE A 45 -4.09 -6.28 2.49
N GLN A 46 -3.83 -6.73 3.71
CA GLN A 46 -2.47 -7.04 4.14
C GLN A 46 -1.74 -7.84 3.05
N ARG A 47 -2.49 -8.69 2.35
CA ARG A 47 -1.92 -9.50 1.29
C ARG A 47 -1.16 -8.64 0.28
N TRP A 48 -1.75 -7.50 -0.06
CA TRP A 48 -1.13 -6.59 -1.02
C TRP A 48 0.11 -5.92 -0.43
N PHE A 49 0.00 -5.50 0.83
CA PHE A 49 1.11 -4.84 1.51
C PHE A 49 2.33 -5.76 1.58
N ARG A 50 2.13 -6.95 2.15
CA ARG A 50 3.22 -7.92 2.27
C ARG A 50 3.82 -8.24 0.92
N GLN A 51 3.07 -7.95 -0.14
CA GLN A 51 3.53 -8.21 -1.50
C GLN A 51 4.39 -7.05 -2.02
N ARG A 52 3.98 -5.82 -1.70
CA ARG A 52 4.70 -4.64 -2.13
C ARG A 52 6.11 -4.62 -1.53
N ARG A 53 6.18 -4.78 -0.21
CA ARG A 53 7.46 -4.77 0.49
C ARG A 53 8.47 -5.68 -0.22
N ASN A 54 8.08 -6.93 -0.45
CA ASN A 54 8.96 -7.88 -1.12
C ASN A 54 9.69 -7.23 -2.29
N GLN A 55 8.94 -6.46 -3.08
CA GLN A 55 9.51 -5.78 -4.23
C GLN A 55 10.74 -4.95 -3.83
N GLU A 56 10.66 -4.31 -2.68
CA GLU A 56 11.76 -3.50 -2.18
C GLU A 56 13.10 -4.16 -2.47
N LYS A 57 13.20 -5.45 -2.14
CA LYS A 57 14.43 -6.20 -2.35
C LYS A 57 14.31 -7.09 -3.59
N PRO A 58 15.42 -7.22 -4.34
CA PRO A 58 15.47 -8.03 -5.55
C PRO A 58 15.38 -9.53 -5.25
N SER A 59 14.26 -10.13 -5.62
CA SER A 59 14.04 -11.55 -5.39
C SER A 59 14.44 -12.37 -6.61
N GLY A 60 15.72 -12.77 -6.66
CA GLY A 60 16.21 -13.56 -7.77
C GLY A 60 17.72 -13.64 -7.81
N PRO A 61 18.25 -14.57 -8.60
CA PRO A 61 19.69 -14.78 -8.73
C PRO A 61 20.38 -13.63 -9.46
N SER A 62 19.78 -13.20 -10.57
CA SER A 62 20.34 -12.11 -11.37
C SER A 62 20.56 -10.88 -10.51
N SER A 63 21.17 -9.85 -11.10
CA SER A 63 21.46 -8.61 -10.40
C SER A 63 20.79 -7.43 -11.08
N GLY A 64 19.70 -6.94 -10.48
CA GLY A 64 18.98 -5.80 -11.04
C GLY A 64 19.89 -4.63 -11.32
N GLY A 1 8.19 -3.09 -12.52
CA GLY A 1 7.79 -1.76 -12.05
C GLY A 1 6.48 -1.32 -12.66
N SER A 2 6.05 -0.11 -12.30
CA SER A 2 4.79 0.43 -12.81
C SER A 2 5.01 1.80 -13.45
N SER A 3 4.35 2.03 -14.58
CA SER A 3 4.48 3.29 -15.29
C SER A 3 3.12 3.98 -15.43
N GLY A 4 2.75 4.74 -14.40
CA GLY A 4 1.47 5.43 -14.42
C GLY A 4 0.53 4.96 -13.34
N SER A 5 -0.34 4.02 -13.69
CA SER A 5 -1.31 3.47 -12.74
C SER A 5 -1.87 4.57 -11.85
N SER A 6 -2.17 5.73 -12.44
CA SER A 6 -2.70 6.85 -11.70
C SER A 6 -4.20 6.69 -11.45
N GLY A 7 -4.72 7.42 -10.48
CA GLY A 7 -6.14 7.34 -10.16
C GLY A 7 -6.47 8.00 -8.84
N THR A 8 -7.72 7.84 -8.40
CA THR A 8 -8.17 8.45 -7.15
C THR A 8 -8.75 7.39 -6.21
N ALA A 9 -9.56 6.50 -6.77
CA ALA A 9 -10.18 5.44 -5.98
C ALA A 9 -9.58 4.07 -6.33
N GLN A 10 -8.47 4.10 -7.06
CA GLN A 10 -7.80 2.86 -7.46
C GLN A 10 -7.43 2.01 -6.24
N PRO A 11 -7.60 0.69 -6.37
CA PRO A 11 -7.29 -0.25 -5.29
C PRO A 11 -5.79 -0.37 -5.03
N ASN A 12 -5.00 -0.09 -6.06
CA ASN A 12 -3.55 -0.16 -5.94
C ASN A 12 -2.95 1.21 -5.61
N ALA A 13 -3.42 2.23 -6.34
CA ALA A 13 -2.95 3.59 -6.12
C ALA A 13 -3.03 3.98 -4.64
N ILE A 14 -4.22 3.85 -4.07
CA ILE A 14 -4.42 4.18 -2.66
C ILE A 14 -3.48 3.38 -1.76
N LEU A 15 -3.42 2.07 -1.97
CA LEU A 15 -2.56 1.20 -1.19
C LEU A 15 -1.13 1.69 -1.22
N GLU A 16 -0.64 2.03 -2.42
CA GLU A 16 0.71 2.51 -2.59
C GLU A 16 0.91 3.85 -1.88
N LYS A 17 -0.15 4.64 -1.81
CA LYS A 17 -0.10 5.95 -1.15
C LYS A 17 0.07 5.79 0.35
N VAL A 18 -0.93 5.19 0.99
CA VAL A 18 -0.88 4.98 2.43
C VAL A 18 0.39 4.26 2.86
N PHE A 19 1.08 3.68 1.88
CA PHE A 19 2.31 2.96 2.15
C PHE A 19 3.43 3.92 2.53
N THR A 20 3.36 5.15 2.02
CA THR A 20 4.37 6.16 2.31
C THR A 20 3.76 7.34 3.07
N ALA A 21 2.57 7.75 2.64
CA ALA A 21 1.88 8.87 3.27
C ALA A 21 1.54 8.55 4.72
N ILE A 22 1.39 7.27 5.02
CA ILE A 22 1.06 6.83 6.38
C ILE A 22 2.12 5.88 6.91
N THR A 23 2.18 4.68 6.35
CA THR A 23 3.15 3.68 6.77
C THR A 23 3.13 2.47 5.85
N LYS A 24 4.23 1.73 5.82
CA LYS A 24 4.34 0.54 4.99
C LYS A 24 3.68 -0.66 5.65
N HIS A 25 3.86 -0.77 6.97
CA HIS A 25 3.27 -1.87 7.73
C HIS A 25 2.10 -1.39 8.58
N PRO A 26 0.95 -1.21 7.95
CA PRO A 26 -0.27 -0.76 8.62
C PRO A 26 -0.84 -1.81 9.57
N ASP A 27 -1.66 -1.36 10.51
CA ASP A 27 -2.28 -2.27 11.48
C ASP A 27 -3.74 -2.52 11.13
N GLU A 28 -4.40 -3.35 11.94
CA GLU A 28 -5.80 -3.68 11.72
C GLU A 28 -6.65 -2.41 11.62
N LYS A 29 -6.53 -1.55 12.62
CA LYS A 29 -7.28 -0.30 12.65
C LYS A 29 -7.07 0.49 11.35
N ARG A 30 -5.83 0.50 10.86
CA ARG A 30 -5.50 1.22 9.64
C ARG A 30 -6.13 0.54 8.42
N LEU A 31 -5.75 -0.71 8.20
CA LEU A 31 -6.28 -1.48 7.08
C LEU A 31 -7.80 -1.39 7.02
N GLU A 32 -8.43 -1.37 8.19
CA GLU A 32 -9.87 -1.28 8.27
C GLU A 32 -10.41 -0.14 7.40
N GLY A 33 -9.64 0.94 7.34
CA GLY A 33 -10.05 2.08 6.54
C GLY A 33 -10.02 1.80 5.05
N LEU A 34 -8.94 1.16 4.59
CA LEU A 34 -8.78 0.83 3.18
C LEU A 34 -9.86 -0.16 2.73
N SER A 35 -10.18 -1.10 3.60
CA SER A 35 -11.20 -2.11 3.30
C SER A 35 -12.33 -1.50 2.48
N LYS A 36 -12.78 -0.32 2.87
CA LYS A 36 -13.85 0.37 2.18
C LYS A 36 -13.44 0.73 0.75
N GLN A 37 -12.35 1.47 0.62
CA GLN A 37 -11.85 1.89 -0.69
C GLN A 37 -11.58 0.67 -1.56
N LEU A 38 -10.72 -0.22 -1.07
CA LEU A 38 -10.37 -1.43 -1.82
C LEU A 38 -11.56 -2.38 -1.90
N ASP A 39 -12.46 -2.27 -0.93
CA ASP A 39 -13.64 -3.12 -0.90
C ASP A 39 -13.26 -4.58 -0.65
N TRP A 40 -12.16 -4.78 0.06
CA TRP A 40 -11.67 -6.12 0.37
C TRP A 40 -11.71 -6.37 1.87
N ASP A 41 -11.34 -7.58 2.27
CA ASP A 41 -11.34 -7.97 3.68
C ASP A 41 -10.05 -7.49 4.35
N VAL A 42 -10.17 -7.08 5.61
CA VAL A 42 -9.02 -6.59 6.38
C VAL A 42 -7.80 -7.47 6.13
N ARG A 43 -8.04 -8.75 5.85
CA ARG A 43 -6.96 -9.70 5.60
C ARG A 43 -6.53 -9.65 4.13
N SER A 44 -7.49 -9.39 3.26
CA SER A 44 -7.21 -9.33 1.82
C SER A 44 -6.28 -8.17 1.51
N ILE A 45 -6.34 -7.12 2.33
CA ILE A 45 -5.50 -5.94 2.13
C ILE A 45 -4.04 -6.26 2.42
N GLN A 46 -3.78 -6.74 3.63
CA GLN A 46 -2.42 -7.08 4.03
C GLN A 46 -1.70 -7.86 2.93
N ARG A 47 -2.46 -8.68 2.19
CA ARG A 47 -1.91 -9.48 1.12
C ARG A 47 -1.10 -8.61 0.15
N TRP A 48 -1.62 -7.42 -0.14
CA TRP A 48 -0.96 -6.50 -1.05
C TRP A 48 0.30 -5.92 -0.42
N PHE A 49 0.17 -5.42 0.80
CA PHE A 49 1.31 -4.84 1.52
C PHE A 49 2.47 -5.83 1.60
N ARG A 50 2.19 -7.00 2.16
CA ARG A 50 3.21 -8.04 2.30
C ARG A 50 3.88 -8.33 0.95
N GLN A 51 3.14 -8.08 -0.12
CA GLN A 51 3.66 -8.31 -1.47
C GLN A 51 4.55 -7.16 -1.92
N ARG A 52 4.13 -5.94 -1.64
CA ARG A 52 4.88 -4.75 -2.02
C ARG A 52 6.27 -4.77 -1.37
N ARG A 53 6.30 -4.72 -0.04
CA ARG A 53 7.55 -4.73 0.70
C ARG A 53 8.55 -5.70 0.06
N ASN A 54 8.10 -6.94 -0.16
CA ASN A 54 8.95 -7.96 -0.75
C ASN A 54 9.61 -7.44 -2.03
N GLN A 55 8.78 -7.04 -2.99
CA GLN A 55 9.27 -6.53 -4.26
C GLN A 55 10.20 -5.33 -4.05
N GLU A 56 9.82 -4.45 -3.14
CA GLU A 56 10.62 -3.27 -2.84
C GLU A 56 12.08 -3.65 -2.62
N LYS A 57 12.92 -3.34 -3.60
CA LYS A 57 14.35 -3.64 -3.51
C LYS A 57 15.18 -2.53 -4.14
N PRO A 58 16.31 -2.21 -3.51
CA PRO A 58 17.22 -1.16 -3.98
C PRO A 58 17.94 -1.56 -5.27
N SER A 59 18.44 -2.79 -5.30
CA SER A 59 19.16 -3.29 -6.48
C SER A 59 18.17 -3.67 -7.58
N GLY A 60 17.97 -2.76 -8.53
CA GLY A 60 17.06 -3.03 -9.62
C GLY A 60 17.71 -2.80 -10.98
N PRO A 61 17.02 -3.24 -12.05
CA PRO A 61 17.52 -3.11 -13.42
C PRO A 61 17.51 -1.65 -13.89
N SER A 62 16.37 -0.99 -13.72
CA SER A 62 16.23 0.40 -14.14
C SER A 62 16.94 1.33 -13.15
N SER A 63 18.02 1.94 -13.61
CA SER A 63 18.80 2.86 -12.77
C SER A 63 19.34 4.03 -13.59
N GLY A 64 19.14 5.24 -13.08
CA GLY A 64 19.61 6.42 -13.78
C GLY A 64 18.49 7.38 -14.12
N GLY A 1 3.90 13.93 -7.46
CA GLY A 1 5.29 14.03 -7.09
C GLY A 1 5.64 15.37 -6.47
N SER A 2 5.40 16.45 -7.22
CA SER A 2 5.70 17.79 -6.72
C SER A 2 4.41 18.57 -6.50
N SER A 3 3.51 18.53 -7.48
CA SER A 3 2.25 19.24 -7.38
C SER A 3 1.07 18.26 -7.36
N GLY A 4 -0.08 18.74 -6.88
CA GLY A 4 -1.25 17.88 -6.81
C GLY A 4 -1.60 17.48 -5.39
N SER A 5 -2.89 17.47 -5.07
CA SER A 5 -3.33 17.09 -3.73
C SER A 5 -4.29 15.91 -3.79
N SER A 6 -5.39 16.07 -4.52
CA SER A 6 -6.39 15.03 -4.65
C SER A 6 -5.75 13.73 -5.15
N GLY A 7 -6.36 12.60 -4.80
CA GLY A 7 -5.84 11.31 -5.21
C GLY A 7 -6.85 10.49 -5.97
N THR A 8 -6.44 9.31 -6.43
CA THR A 8 -7.32 8.43 -7.18
C THR A 8 -7.95 7.37 -6.27
N ALA A 9 -9.18 7.00 -6.59
CA ALA A 9 -9.90 5.99 -5.80
C ALA A 9 -9.47 4.58 -6.19
N GLN A 10 -8.38 4.49 -6.95
CA GLN A 10 -7.87 3.20 -7.39
C GLN A 10 -7.54 2.30 -6.20
N PRO A 11 -7.67 0.99 -6.39
CA PRO A 11 -7.40 0.00 -5.34
C PRO A 11 -5.91 -0.09 -5.01
N ASN A 12 -5.07 0.04 -6.03
CA ASN A 12 -3.62 -0.03 -5.85
C ASN A 12 -3.05 1.35 -5.51
N ALA A 13 -3.47 2.36 -6.25
CA ALA A 13 -3.02 3.72 -6.03
C ALA A 13 -3.05 4.08 -4.54
N ILE A 14 -4.24 3.97 -3.95
CA ILE A 14 -4.42 4.29 -2.54
C ILE A 14 -3.45 3.50 -1.68
N LEU A 15 -3.52 2.18 -1.77
CA LEU A 15 -2.63 1.30 -0.99
C LEU A 15 -1.18 1.74 -1.14
N GLU A 16 -0.80 2.11 -2.35
CA GLU A 16 0.57 2.54 -2.62
C GLU A 16 0.86 3.88 -1.95
N LYS A 17 -0.17 4.71 -1.81
CA LYS A 17 -0.04 6.01 -1.18
C LYS A 17 0.07 5.87 0.33
N VAL A 18 -0.89 5.16 0.92
CA VAL A 18 -0.91 4.95 2.37
C VAL A 18 0.32 4.17 2.83
N PHE A 19 1.10 3.69 1.86
CA PHE A 19 2.30 2.92 2.17
C PHE A 19 3.47 3.85 2.46
N THR A 20 3.45 5.04 1.87
CA THR A 20 4.52 6.01 2.07
C THR A 20 4.00 7.23 2.83
N ALA A 21 2.83 7.71 2.45
CA ALA A 21 2.24 8.87 3.11
C ALA A 21 1.94 8.59 4.57
N ILE A 22 1.64 7.33 4.88
CA ILE A 22 1.35 6.92 6.25
C ILE A 22 2.47 6.06 6.82
N THR A 23 2.64 4.87 6.26
CA THR A 23 3.67 3.95 6.72
C THR A 23 3.74 2.71 5.83
N LYS A 24 4.88 2.01 5.88
CA LYS A 24 5.07 0.81 5.08
C LYS A 24 4.42 -0.40 5.77
N HIS A 25 4.43 -0.39 7.10
CA HIS A 25 3.83 -1.48 7.86
C HIS A 25 2.64 -1.00 8.67
N PRO A 26 1.48 -0.88 8.01
CA PRO A 26 0.24 -0.42 8.66
C PRO A 26 -0.30 -1.44 9.64
N ASP A 27 -1.21 -1.00 10.51
CA ASP A 27 -1.81 -1.87 11.50
C ASP A 27 -3.27 -2.17 11.14
N GLU A 28 -3.89 -3.07 11.91
CA GLU A 28 -5.28 -3.44 11.67
C GLU A 28 -6.15 -2.21 11.47
N LYS A 29 -6.23 -1.36 12.49
CA LYS A 29 -7.02 -0.15 12.42
C LYS A 29 -6.86 0.53 11.06
N ARG A 30 -5.64 0.57 10.57
CA ARG A 30 -5.34 1.19 9.28
C ARG A 30 -6.10 0.47 8.15
N LEU A 31 -5.78 -0.80 7.96
CA LEU A 31 -6.42 -1.60 6.92
C LEU A 31 -7.93 -1.41 6.94
N GLU A 32 -8.53 -1.51 8.12
CA GLU A 32 -9.96 -1.33 8.27
C GLU A 32 -10.47 -0.19 7.40
N GLY A 33 -9.74 0.92 7.41
CA GLY A 33 -10.13 2.08 6.61
C GLY A 33 -10.05 1.82 5.13
N LEU A 34 -9.06 1.04 4.71
CA LEU A 34 -8.88 0.71 3.30
C LEU A 34 -9.94 -0.28 2.84
N SER A 35 -10.27 -1.23 3.71
CA SER A 35 -11.27 -2.25 3.39
C SER A 35 -12.42 -1.65 2.58
N LYS A 36 -12.72 -0.37 2.85
CA LYS A 36 -13.79 0.32 2.14
C LYS A 36 -13.38 0.65 0.71
N GLN A 37 -12.37 1.50 0.57
CA GLN A 37 -11.89 1.90 -0.75
C GLN A 37 -11.57 0.67 -1.60
N LEU A 38 -10.70 -0.19 -1.08
CA LEU A 38 -10.31 -1.40 -1.79
C LEU A 38 -11.49 -2.34 -1.94
N ASP A 39 -12.42 -2.28 -1.00
CA ASP A 39 -13.61 -3.13 -1.03
C ASP A 39 -13.23 -4.59 -0.82
N TRP A 40 -12.14 -4.82 -0.09
CA TRP A 40 -11.67 -6.17 0.18
C TRP A 40 -11.74 -6.48 1.67
N ASP A 41 -11.35 -7.70 2.04
CA ASP A 41 -11.36 -8.11 3.43
C ASP A 41 -10.11 -7.63 4.16
N VAL A 42 -10.29 -7.23 5.42
CA VAL A 42 -9.17 -6.74 6.22
C VAL A 42 -7.92 -7.59 6.01
N ARG A 43 -8.15 -8.88 5.70
CA ARG A 43 -7.04 -9.80 5.47
C ARG A 43 -6.54 -9.71 4.03
N SER A 44 -7.47 -9.48 3.11
CA SER A 44 -7.12 -9.38 1.69
C SER A 44 -6.20 -8.20 1.45
N ILE A 45 -6.37 -7.14 2.24
CA ILE A 45 -5.56 -5.94 2.11
C ILE A 45 -4.10 -6.23 2.43
N GLN A 46 -3.85 -6.74 3.64
CA GLN A 46 -2.49 -7.05 4.07
C GLN A 46 -1.71 -7.72 2.95
N ARG A 47 -2.27 -8.79 2.40
CA ARG A 47 -1.63 -9.53 1.32
C ARG A 47 -0.90 -8.58 0.37
N TRP A 48 -1.54 -7.46 0.04
CA TRP A 48 -0.95 -6.47 -0.84
C TRP A 48 0.28 -5.84 -0.22
N PHE A 49 0.14 -5.32 1.00
CA PHE A 49 1.25 -4.70 1.70
C PHE A 49 2.41 -5.68 1.86
N ARG A 50 2.08 -6.94 2.10
CA ARG A 50 3.10 -7.98 2.28
C ARG A 50 3.75 -8.33 0.95
N GLN A 51 2.96 -8.32 -0.11
CA GLN A 51 3.47 -8.64 -1.45
C GLN A 51 4.36 -7.51 -1.97
N ARG A 52 3.99 -6.27 -1.65
CA ARG A 52 4.75 -5.11 -2.09
C ARG A 52 6.11 -5.06 -1.40
N ARG A 53 6.09 -4.94 -0.08
CA ARG A 53 7.32 -4.88 0.70
C ARG A 53 8.39 -5.79 0.11
N ASN A 54 8.00 -7.02 -0.22
CA ASN A 54 8.91 -7.99 -0.80
C ASN A 54 9.72 -7.37 -1.93
N GLN A 55 9.03 -6.65 -2.81
CA GLN A 55 9.67 -6.01 -3.95
C GLN A 55 10.88 -5.18 -3.49
N GLU A 56 10.66 -4.31 -2.52
CA GLU A 56 11.72 -3.46 -1.99
C GLU A 56 13.00 -4.27 -1.77
N LYS A 57 13.92 -4.19 -2.73
CA LYS A 57 15.18 -4.90 -2.63
C LYS A 57 15.85 -4.65 -1.29
N PRO A 58 16.44 -5.71 -0.71
CA PRO A 58 17.13 -5.63 0.58
C PRO A 58 18.44 -4.84 0.49
N SER A 59 19.10 -4.67 1.63
CA SER A 59 20.35 -3.92 1.68
C SER A 59 21.46 -4.79 2.27
N GLY A 60 22.29 -5.35 1.38
CA GLY A 60 23.39 -6.19 1.82
C GLY A 60 24.22 -5.54 2.90
N PRO A 61 25.08 -4.60 2.50
CA PRO A 61 25.96 -3.88 3.43
C PRO A 61 25.19 -2.91 4.32
N SER A 62 25.71 -2.69 5.53
CA SER A 62 25.07 -1.80 6.48
C SER A 62 26.09 -0.85 7.11
N SER A 63 27.23 -1.40 7.49
CA SER A 63 28.29 -0.61 8.11
C SER A 63 29.31 -0.15 7.07
N GLY A 64 29.28 1.16 6.76
CA GLY A 64 30.21 1.70 5.79
C GLY A 64 29.53 2.00 4.46
N GLY A 1 -0.25 2.38 -10.41
CA GLY A 1 -1.64 2.73 -10.65
C GLY A 1 -1.79 4.08 -11.31
N SER A 2 -1.45 4.15 -12.60
CA SER A 2 -1.55 5.40 -13.35
C SER A 2 -2.50 5.24 -14.53
N SER A 3 -3.73 5.70 -14.35
CA SER A 3 -4.75 5.62 -15.39
C SER A 3 -5.31 7.00 -15.72
N GLY A 4 -4.70 7.68 -16.69
CA GLY A 4 -5.15 8.99 -17.07
C GLY A 4 -5.15 9.98 -15.92
N SER A 5 -5.71 11.16 -16.15
CA SER A 5 -5.77 12.19 -15.11
C SER A 5 -7.17 12.27 -14.51
N SER A 6 -7.37 11.58 -13.41
CA SER A 6 -8.67 11.58 -12.73
C SER A 6 -8.53 11.14 -11.28
N GLY A 7 -9.62 11.23 -10.53
CA GLY A 7 -9.60 10.85 -9.14
C GLY A 7 -8.79 9.59 -8.90
N THR A 8 -8.15 9.52 -7.73
CA THR A 8 -7.33 8.36 -7.38
C THR A 8 -8.03 7.46 -6.37
N ALA A 9 -8.81 6.51 -6.88
CA ALA A 9 -9.54 5.59 -6.02
C ALA A 9 -9.15 4.14 -6.30
N GLN A 10 -8.09 3.97 -7.07
CA GLN A 10 -7.61 2.64 -7.42
C GLN A 10 -7.29 1.82 -6.17
N PRO A 11 -7.40 0.50 -6.29
CA PRO A 11 -7.12 -0.41 -5.17
C PRO A 11 -5.64 -0.47 -4.82
N ASN A 12 -4.79 -0.21 -5.81
CA ASN A 12 -3.34 -0.23 -5.60
C ASN A 12 -2.82 1.18 -5.35
N ALA A 13 -3.23 2.11 -6.21
CA ALA A 13 -2.79 3.50 -6.09
C ALA A 13 -2.87 3.98 -4.64
N ILE A 14 -3.97 3.63 -3.97
CA ILE A 14 -4.17 4.02 -2.58
C ILE A 14 -3.24 3.24 -1.65
N LEU A 15 -3.29 1.93 -1.75
CA LEU A 15 -2.44 1.06 -0.92
C LEU A 15 -1.00 1.53 -0.95
N GLU A 16 -0.55 2.03 -2.10
CA GLU A 16 0.81 2.51 -2.25
C GLU A 16 0.99 3.87 -1.57
N LYS A 17 -0.11 4.62 -1.46
CA LYS A 17 -0.08 5.94 -0.84
C LYS A 17 0.18 5.82 0.65
N VAL A 18 -0.72 5.15 1.36
CA VAL A 18 -0.58 4.97 2.80
C VAL A 18 0.67 4.17 3.14
N PHE A 19 1.32 3.64 2.10
CA PHE A 19 2.54 2.85 2.29
C PHE A 19 3.71 3.75 2.67
N THR A 20 3.84 4.88 1.96
CA THR A 20 4.92 5.81 2.22
C THR A 20 4.41 7.07 2.91
N ALA A 21 3.19 7.48 2.56
CA ALA A 21 2.59 8.66 3.16
C ALA A 21 2.39 8.48 4.65
N ILE A 22 1.90 7.30 5.05
CA ILE A 22 1.66 7.00 6.44
C ILE A 22 2.67 5.99 6.97
N THR A 23 2.60 4.76 6.46
CA THR A 23 3.50 3.70 6.88
C THR A 23 3.36 2.47 5.98
N LYS A 24 4.44 1.70 5.87
CA LYS A 24 4.44 0.50 5.04
C LYS A 24 3.77 -0.66 5.77
N HIS A 25 3.85 -0.64 7.10
CA HIS A 25 3.24 -1.69 7.91
C HIS A 25 2.16 -1.12 8.82
N PRO A 26 0.96 -0.92 8.26
CA PRO A 26 -0.18 -0.38 8.99
C PRO A 26 -0.72 -1.37 10.03
N ASP A 27 -1.62 -0.89 10.87
CA ASP A 27 -2.23 -1.73 11.90
C ASP A 27 -3.59 -2.25 11.46
N GLU A 28 -4.23 -3.03 12.33
CA GLU A 28 -5.54 -3.59 12.02
C GLU A 28 -6.53 -2.49 11.66
N LYS A 29 -6.73 -1.56 12.57
CA LYS A 29 -7.65 -0.44 12.34
C LYS A 29 -7.37 0.23 11.00
N ARG A 30 -6.14 0.71 10.84
CA ARG A 30 -5.75 1.38 9.60
C ARG A 30 -6.28 0.63 8.38
N LEU A 31 -5.80 -0.59 8.18
CA LEU A 31 -6.24 -1.40 7.05
C LEU A 31 -7.75 -1.29 6.85
N GLU A 32 -8.49 -1.40 7.94
CA GLU A 32 -9.95 -1.31 7.87
C GLU A 32 -10.39 -0.22 6.90
N GLY A 33 -9.86 0.99 7.09
CA GLY A 33 -10.21 2.09 6.23
C GLY A 33 -10.13 1.73 4.75
N LEU A 34 -9.09 0.99 4.38
CA LEU A 34 -8.91 0.57 3.00
C LEU A 34 -10.00 -0.42 2.58
N SER A 35 -10.38 -1.28 3.50
CA SER A 35 -11.41 -2.28 3.23
C SER A 35 -12.54 -1.68 2.39
N LYS A 36 -12.80 -0.40 2.58
CA LYS A 36 -13.84 0.30 1.84
C LYS A 36 -13.40 0.58 0.41
N GLN A 37 -12.31 1.33 0.26
CA GLN A 37 -11.78 1.67 -1.06
C GLN A 37 -11.48 0.41 -1.86
N LEU A 38 -10.69 -0.48 -1.27
CA LEU A 38 -10.32 -1.73 -1.94
C LEU A 38 -11.50 -2.69 -1.99
N ASP A 39 -12.45 -2.50 -1.08
CA ASP A 39 -13.64 -3.35 -1.03
C ASP A 39 -13.25 -4.80 -0.73
N TRP A 40 -12.15 -4.99 -0.02
CA TRP A 40 -11.68 -6.31 0.33
C TRP A 40 -11.74 -6.54 1.83
N ASP A 41 -11.29 -7.71 2.27
CA ASP A 41 -11.30 -8.05 3.69
C ASP A 41 -10.03 -7.55 4.38
N VAL A 42 -10.19 -7.08 5.62
CA VAL A 42 -9.05 -6.57 6.38
C VAL A 42 -7.80 -7.42 6.15
N ARG A 43 -8.00 -8.73 6.01
CA ARG A 43 -6.89 -9.64 5.78
C ARG A 43 -6.44 -9.60 4.32
N SER A 44 -7.39 -9.46 3.41
CA SER A 44 -7.09 -9.40 1.99
C SER A 44 -6.22 -8.19 1.67
N ILE A 45 -6.34 -7.16 2.48
CA ILE A 45 -5.57 -5.93 2.28
C ILE A 45 -4.10 -6.16 2.59
N GLN A 46 -3.82 -6.62 3.80
CA GLN A 46 -2.45 -6.89 4.22
C GLN A 46 -1.68 -7.65 3.14
N ARG A 47 -2.36 -8.59 2.49
CA ARG A 47 -1.74 -9.38 1.44
C ARG A 47 -1.02 -8.49 0.43
N TRP A 48 -1.60 -7.33 0.15
CA TRP A 48 -1.01 -6.39 -0.79
C TRP A 48 0.20 -5.69 -0.18
N PHE A 49 0.07 -5.28 1.08
CA PHE A 49 1.15 -4.60 1.78
C PHE A 49 2.40 -5.48 1.85
N ARG A 50 2.21 -6.72 2.33
CA ARG A 50 3.32 -7.66 2.46
C ARG A 50 3.90 -8.00 1.09
N GLN A 51 3.04 -8.05 0.08
CA GLN A 51 3.47 -8.36 -1.27
C GLN A 51 4.22 -7.18 -1.89
N ARG A 52 3.75 -5.97 -1.58
CA ARG A 52 4.38 -4.76 -2.11
C ARG A 52 5.85 -4.70 -1.73
N ARG A 53 6.12 -4.60 -0.43
CA ARG A 53 7.48 -4.52 0.08
C ARG A 53 8.40 -5.47 -0.70
N ASN A 54 8.06 -6.75 -0.68
CA ASN A 54 8.85 -7.77 -1.38
C ASN A 54 9.32 -7.24 -2.74
N GLN A 55 8.38 -6.82 -3.56
CA GLN A 55 8.70 -6.29 -4.89
C GLN A 55 9.65 -5.11 -4.78
N GLU A 56 9.36 -4.19 -3.85
CA GLU A 56 10.18 -3.01 -3.65
C GLU A 56 11.64 -3.39 -3.42
N LYS A 57 11.87 -4.26 -2.44
CA LYS A 57 13.21 -4.71 -2.11
C LYS A 57 13.73 -5.69 -3.16
N PRO A 58 15.02 -5.57 -3.49
CA PRO A 58 15.66 -6.44 -4.49
C PRO A 58 15.83 -7.87 -3.98
N SER A 59 16.39 -8.00 -2.79
CA SER A 59 16.62 -9.32 -2.19
C SER A 59 15.42 -9.72 -1.33
N GLY A 60 14.53 -10.53 -1.90
CA GLY A 60 13.36 -10.98 -1.16
C GLY A 60 13.72 -11.86 0.02
N PRO A 61 12.93 -11.79 1.10
CA PRO A 61 13.15 -12.57 2.30
C PRO A 61 12.87 -14.05 2.09
N SER A 62 13.34 -14.88 3.02
CA SER A 62 13.13 -16.33 2.93
C SER A 62 12.77 -16.91 4.29
N SER A 63 11.69 -17.69 4.33
CA SER A 63 11.23 -18.30 5.57
C SER A 63 12.27 -19.29 6.10
N GLY A 64 12.84 -18.98 7.25
CA GLY A 64 13.84 -19.86 7.85
C GLY A 64 15.11 -19.94 7.02
N GLY A 1 7.66 0.22 -12.26
CA GLY A 1 8.63 0.95 -11.47
C GLY A 1 8.23 2.40 -11.27
N SER A 2 7.90 3.08 -12.36
CA SER A 2 7.50 4.49 -12.30
C SER A 2 6.09 4.68 -12.85
N SER A 3 5.10 4.56 -11.97
CA SER A 3 3.71 4.72 -12.37
C SER A 3 3.37 6.20 -12.58
N GLY A 4 2.26 6.46 -13.26
CA GLY A 4 1.84 7.82 -13.52
C GLY A 4 0.44 8.11 -13.01
N SER A 5 0.35 8.58 -11.78
CA SER A 5 -0.94 8.89 -11.17
C SER A 5 -0.75 9.55 -9.81
N SER A 6 -1.36 10.73 -9.65
CA SER A 6 -1.26 11.48 -8.41
C SER A 6 -2.59 11.49 -7.66
N GLY A 7 -2.74 10.55 -6.73
CA GLY A 7 -3.97 10.47 -5.96
C GLY A 7 -5.14 9.96 -6.79
N THR A 8 -5.63 8.77 -6.45
CA THR A 8 -6.75 8.17 -7.17
C THR A 8 -7.48 7.16 -6.29
N ALA A 9 -8.69 6.78 -6.72
CA ALA A 9 -9.49 5.83 -5.98
C ALA A 9 -9.12 4.39 -6.35
N GLN A 10 -7.99 4.23 -7.03
CA GLN A 10 -7.52 2.92 -7.44
C GLN A 10 -7.34 2.00 -6.24
N PRO A 11 -7.52 0.68 -6.47
CA PRO A 11 -7.39 -0.32 -5.41
C PRO A 11 -5.93 -0.50 -4.96
N ASN A 12 -5.00 -0.23 -5.87
CA ASN A 12 -3.58 -0.35 -5.57
C ASN A 12 -2.98 1.00 -5.21
N ALA A 13 -3.15 1.97 -6.09
CA ALA A 13 -2.63 3.31 -5.87
C ALA A 13 -2.77 3.73 -4.41
N ILE A 14 -3.99 3.62 -3.88
CA ILE A 14 -4.27 3.98 -2.50
C ILE A 14 -3.34 3.22 -1.55
N LEU A 15 -3.34 1.89 -1.67
CA LEU A 15 -2.50 1.06 -0.82
C LEU A 15 -1.04 1.50 -0.88
N GLU A 16 -0.58 1.85 -2.08
CA GLU A 16 0.79 2.30 -2.27
C GLU A 16 1.02 3.66 -1.64
N LYS A 17 -0.06 4.44 -1.52
CA LYS A 17 0.01 5.78 -0.94
C LYS A 17 0.28 5.69 0.56
N VAL A 18 -0.70 5.16 1.29
CA VAL A 18 -0.58 5.02 2.74
C VAL A 18 0.72 4.30 3.11
N PHE A 19 1.34 3.66 2.14
CA PHE A 19 2.59 2.94 2.36
C PHE A 19 3.74 3.90 2.65
N THR A 20 3.65 5.10 2.09
CA THR A 20 4.67 6.12 2.29
C THR A 20 4.10 7.36 2.98
N ALA A 21 2.88 7.73 2.60
CA ALA A 21 2.22 8.90 3.18
C ALA A 21 1.98 8.69 4.67
N ILE A 22 1.69 7.46 5.07
CA ILE A 22 1.43 7.14 6.46
C ILE A 22 2.52 6.23 7.02
N THR A 23 2.55 4.99 6.53
CA THR A 23 3.55 4.01 6.98
C THR A 23 3.50 2.76 6.12
N LYS A 24 4.66 2.09 6.01
CA LYS A 24 4.75 0.87 5.21
C LYS A 24 4.21 -0.33 5.99
N HIS A 25 4.02 -0.14 7.30
CA HIS A 25 3.50 -1.21 8.15
C HIS A 25 2.32 -0.72 8.97
N PRO A 26 1.15 -0.65 8.32
CA PRO A 26 -0.08 -0.19 8.98
C PRO A 26 -0.61 -1.19 10.00
N ASP A 27 -1.74 -0.88 10.61
CA ASP A 27 -2.34 -1.75 11.61
C ASP A 27 -3.79 -2.10 11.23
N GLU A 28 -4.41 -2.96 12.03
CA GLU A 28 -5.79 -3.37 11.78
C GLU A 28 -6.68 -2.16 11.53
N LYS A 29 -6.76 -1.27 12.52
CA LYS A 29 -7.58 -0.07 12.41
C LYS A 29 -7.35 0.62 11.07
N ARG A 30 -6.08 0.71 10.67
CA ARG A 30 -5.73 1.35 9.41
C ARG A 30 -6.30 0.58 8.22
N LEU A 31 -6.01 -0.72 8.17
CA LEU A 31 -6.48 -1.57 7.10
C LEU A 31 -8.01 -1.49 6.97
N GLU A 32 -8.68 -1.46 8.12
CA GLU A 32 -10.14 -1.37 8.14
C GLU A 32 -10.63 -0.23 7.27
N GLY A 33 -9.87 0.86 7.24
CA GLY A 33 -10.24 2.01 6.44
C GLY A 33 -10.22 1.73 4.96
N LEU A 34 -9.14 1.13 4.48
CA LEU A 34 -8.99 0.80 3.07
C LEU A 34 -10.07 -0.20 2.63
N SER A 35 -10.38 -1.14 3.51
CA SER A 35 -11.39 -2.15 3.22
C SER A 35 -12.55 -1.54 2.43
N LYS A 36 -12.93 -0.32 2.79
CA LYS A 36 -14.03 0.36 2.11
C LYS A 36 -13.66 0.71 0.68
N GLN A 37 -12.54 1.42 0.52
CA GLN A 37 -12.07 1.81 -0.80
C GLN A 37 -11.78 0.59 -1.66
N LEU A 38 -10.92 -0.28 -1.15
CA LEU A 38 -10.55 -1.50 -1.88
C LEU A 38 -11.73 -2.45 -1.98
N ASP A 39 -12.60 -2.42 -0.97
CA ASP A 39 -13.77 -3.28 -0.95
C ASP A 39 -13.38 -4.73 -0.70
N TRP A 40 -12.25 -4.93 -0.01
CA TRP A 40 -11.76 -6.26 0.30
C TRP A 40 -11.82 -6.54 1.80
N ASP A 41 -11.31 -7.70 2.20
CA ASP A 41 -11.30 -8.07 3.61
C ASP A 41 -10.04 -7.55 4.29
N VAL A 42 -10.18 -7.15 5.56
CA VAL A 42 -9.06 -6.63 6.33
C VAL A 42 -7.81 -7.48 6.12
N ARG A 43 -8.01 -8.75 5.79
CA ARG A 43 -6.91 -9.68 5.56
C ARG A 43 -6.46 -9.63 4.10
N SER A 44 -7.41 -9.41 3.20
CA SER A 44 -7.11 -9.36 1.77
C SER A 44 -6.26 -8.14 1.44
N ILE A 45 -6.24 -7.18 2.35
CA ILE A 45 -5.45 -5.95 2.16
C ILE A 45 -3.98 -6.19 2.48
N GLN A 46 -3.71 -6.56 3.73
CA GLN A 46 -2.33 -6.82 4.15
C GLN A 46 -1.56 -7.60 3.10
N ARG A 47 -2.27 -8.49 2.40
CA ARG A 47 -1.64 -9.30 1.36
C ARG A 47 -0.87 -8.42 0.38
N TRP A 48 -1.46 -7.30 0.00
CA TRP A 48 -0.83 -6.37 -0.94
C TRP A 48 0.40 -5.71 -0.30
N PHE A 49 0.22 -5.20 0.91
CA PHE A 49 1.31 -4.54 1.62
C PHE A 49 2.53 -5.45 1.70
N ARG A 50 2.35 -6.62 2.28
CA ARG A 50 3.44 -7.59 2.42
C ARG A 50 4.05 -7.92 1.07
N GLN A 51 3.19 -8.07 0.06
CA GLN A 51 3.65 -8.39 -1.29
C GLN A 51 4.54 -7.28 -1.84
N ARG A 52 4.09 -6.04 -1.73
CA ARG A 52 4.85 -4.90 -2.21
C ARG A 52 6.27 -4.91 -1.65
N ARG A 53 6.37 -4.85 -0.32
CA ARG A 53 7.67 -4.85 0.34
C ARG A 53 8.65 -5.77 -0.38
N ASN A 54 8.20 -6.98 -0.69
CA ASN A 54 9.04 -7.95 -1.39
C ASN A 54 9.40 -7.46 -2.79
N GLN A 55 8.41 -6.93 -3.51
CA GLN A 55 8.61 -6.42 -4.85
C GLN A 55 9.72 -5.36 -4.87
N GLU A 56 9.62 -4.40 -3.96
CA GLU A 56 10.60 -3.33 -3.86
C GLU A 56 11.50 -3.51 -2.64
N LYS A 57 12.79 -3.71 -2.89
CA LYS A 57 13.75 -3.89 -1.80
C LYS A 57 14.12 -2.56 -1.17
N PRO A 58 14.36 -2.57 0.15
CA PRO A 58 14.73 -1.36 0.91
C PRO A 58 16.13 -0.87 0.55
N SER A 59 17.06 -1.79 0.39
CA SER A 59 18.43 -1.45 0.04
C SER A 59 19.23 -2.69 -0.37
N GLY A 60 20.15 -2.51 -1.31
CA GLY A 60 20.96 -3.62 -1.77
C GLY A 60 22.20 -3.17 -2.52
N PRO A 61 22.76 -4.06 -3.35
CA PRO A 61 23.96 -3.77 -4.13
C PRO A 61 23.69 -2.75 -5.24
N SER A 62 22.46 -2.26 -5.30
CA SER A 62 22.07 -1.28 -6.31
C SER A 62 22.47 0.12 -5.90
N SER A 63 23.66 0.26 -5.34
CA SER A 63 24.16 1.55 -4.88
C SER A 63 24.54 2.43 -6.07
N GLY A 64 24.65 3.74 -5.82
CA GLY A 64 25.01 4.67 -6.87
C GLY A 64 24.22 5.96 -6.80
N GLY A 1 2.41 9.80 -21.17
CA GLY A 1 1.98 11.04 -20.58
C GLY A 1 0.71 10.91 -19.77
N SER A 2 0.66 11.57 -18.62
CA SER A 2 -0.51 11.51 -17.77
C SER A 2 -1.13 12.90 -17.59
N SER A 3 -2.36 13.05 -18.06
CA SER A 3 -3.06 14.33 -17.96
C SER A 3 -3.73 14.48 -16.59
N GLY A 4 -4.64 13.56 -16.29
CA GLY A 4 -5.34 13.61 -15.01
C GLY A 4 -6.72 13.02 -15.09
N SER A 5 -7.19 12.43 -13.99
CA SER A 5 -8.51 11.82 -13.94
C SER A 5 -9.36 12.46 -12.85
N SER A 6 -10.64 12.10 -12.81
CA SER A 6 -11.56 12.63 -11.82
C SER A 6 -10.94 12.62 -10.43
N GLY A 7 -10.34 11.48 -10.07
CA GLY A 7 -9.72 11.36 -8.76
C GLY A 7 -8.95 10.06 -8.61
N THR A 8 -8.14 9.97 -7.55
CA THR A 8 -7.35 8.78 -7.30
C THR A 8 -8.04 7.87 -6.29
N ALA A 9 -8.90 6.99 -6.79
CA ALA A 9 -9.63 6.06 -5.93
C ALA A 9 -9.31 4.61 -6.31
N GLN A 10 -8.29 4.43 -7.13
CA GLN A 10 -7.88 3.09 -7.56
C GLN A 10 -7.58 2.19 -6.37
N PRO A 11 -7.74 0.88 -6.56
CA PRO A 11 -7.49 -0.11 -5.50
C PRO A 11 -6.01 -0.24 -5.17
N ASN A 12 -5.17 0.06 -6.16
CA ASN A 12 -3.72 -0.02 -5.97
C ASN A 12 -3.13 1.35 -5.66
N ALA A 13 -3.49 2.34 -6.46
CA ALA A 13 -3.01 3.69 -6.27
C ALA A 13 -3.06 4.09 -4.80
N ILE A 14 -4.21 3.87 -4.17
CA ILE A 14 -4.39 4.21 -2.76
C ILE A 14 -3.42 3.43 -1.89
N LEU A 15 -3.49 2.11 -1.97
CA LEU A 15 -2.62 1.24 -1.18
C LEU A 15 -1.17 1.74 -1.23
N GLU A 16 -0.74 2.19 -2.41
CA GLU A 16 0.61 2.69 -2.58
C GLU A 16 0.81 4.02 -1.85
N LYS A 17 -0.28 4.77 -1.72
CA LYS A 17 -0.24 6.06 -1.04
C LYS A 17 0.04 5.88 0.45
N VAL A 18 -0.93 5.35 1.17
CA VAL A 18 -0.79 5.12 2.60
C VAL A 18 0.48 4.34 2.91
N PHE A 19 1.06 3.73 1.89
CA PHE A 19 2.28 2.94 2.05
C PHE A 19 3.46 3.85 2.40
N THR A 20 3.40 5.10 1.95
CA THR A 20 4.46 6.06 2.23
C THR A 20 3.92 7.28 2.97
N ALA A 21 2.72 7.70 2.60
CA ALA A 21 2.10 8.86 3.24
C ALA A 21 1.85 8.60 4.71
N ILE A 22 1.55 7.35 5.05
CA ILE A 22 1.28 6.97 6.44
C ILE A 22 2.31 5.95 6.93
N THR A 23 2.23 4.74 6.39
CA THR A 23 3.14 3.67 6.78
C THR A 23 3.09 2.52 5.78
N LYS A 24 4.17 1.75 5.72
CA LYS A 24 4.25 0.61 4.81
C LYS A 24 3.54 -0.61 5.41
N HIS A 25 3.72 -0.81 6.70
CA HIS A 25 3.09 -1.95 7.39
C HIS A 25 2.01 -1.47 8.35
N PRO A 26 0.82 -1.15 7.81
CA PRO A 26 -0.31 -0.68 8.60
C PRO A 26 -0.90 -1.77 9.49
N ASP A 27 -1.50 -1.36 10.60
CA ASP A 27 -2.10 -2.31 11.53
C ASP A 27 -3.51 -2.68 11.09
N GLU A 28 -4.08 -3.69 11.75
CA GLU A 28 -5.42 -4.16 11.41
C GLU A 28 -6.41 -3.01 11.44
N LYS A 29 -6.29 -2.14 12.45
CA LYS A 29 -7.18 -1.00 12.59
C LYS A 29 -7.08 -0.07 11.38
N ARG A 30 -5.85 0.34 11.06
CA ARG A 30 -5.62 1.23 9.93
C ARG A 30 -6.14 0.61 8.64
N LEU A 31 -5.74 -0.63 8.38
CA LEU A 31 -6.18 -1.34 7.18
C LEU A 31 -7.68 -1.20 6.98
N GLU A 32 -8.43 -1.33 8.07
CA GLU A 32 -9.89 -1.22 8.00
C GLU A 32 -10.31 -0.08 7.08
N GLY A 33 -9.61 1.04 7.16
CA GLY A 33 -9.91 2.18 6.32
C GLY A 33 -9.89 1.84 4.85
N LEU A 34 -8.86 1.11 4.43
CA LEU A 34 -8.73 0.71 3.03
C LEU A 34 -9.83 -0.28 2.64
N SER A 35 -10.12 -1.22 3.53
CA SER A 35 -11.14 -2.22 3.27
C SER A 35 -12.29 -1.62 2.47
N LYS A 36 -12.67 -0.40 2.81
CA LYS A 36 -13.76 0.29 2.12
C LYS A 36 -13.40 0.55 0.65
N GLN A 37 -12.44 1.42 0.43
CA GLN A 37 -12.00 1.75 -0.92
C GLN A 37 -11.67 0.50 -1.71
N LEU A 38 -10.80 -0.34 -1.15
CA LEU A 38 -10.40 -1.57 -1.81
C LEU A 38 -11.57 -2.55 -1.89
N ASP A 39 -12.49 -2.44 -0.94
CA ASP A 39 -13.66 -3.31 -0.91
C ASP A 39 -13.25 -4.75 -0.63
N TRP A 40 -12.15 -4.93 0.09
CA TRP A 40 -11.65 -6.26 0.42
C TRP A 40 -11.73 -6.50 1.93
N ASP A 41 -11.25 -7.67 2.36
CA ASP A 41 -11.25 -8.02 3.77
C ASP A 41 -9.98 -7.52 4.46
N VAL A 42 -10.13 -7.08 5.70
CA VAL A 42 -9.00 -6.57 6.48
C VAL A 42 -7.75 -7.40 6.22
N ARG A 43 -7.94 -8.68 5.90
CA ARG A 43 -6.83 -9.58 5.63
C ARG A 43 -6.39 -9.47 4.17
N SER A 44 -7.35 -9.49 3.26
CA SER A 44 -7.06 -9.40 1.84
C SER A 44 -6.17 -8.19 1.54
N ILE A 45 -6.29 -7.16 2.38
CA ILE A 45 -5.50 -5.95 2.21
C ILE A 45 -4.02 -6.20 2.47
N GLN A 46 -3.71 -6.60 3.70
CA GLN A 46 -2.33 -6.88 4.08
C GLN A 46 -1.58 -7.57 2.95
N ARG A 47 -2.22 -8.56 2.33
CA ARG A 47 -1.62 -9.30 1.23
C ARG A 47 -0.88 -8.37 0.28
N TRP A 48 -1.52 -7.25 -0.04
CA TRP A 48 -0.91 -6.27 -0.95
C TRP A 48 0.30 -5.62 -0.31
N PHE A 49 0.15 -5.14 0.92
CA PHE A 49 1.24 -4.50 1.65
C PHE A 49 2.45 -5.44 1.76
N ARG A 50 2.21 -6.62 2.34
CA ARG A 50 3.28 -7.60 2.51
C ARG A 50 3.81 -8.06 1.15
N GLN A 51 3.02 -7.87 0.11
CA GLN A 51 3.42 -8.25 -1.23
C GLN A 51 4.32 -7.20 -1.87
N ARG A 52 4.06 -5.94 -1.54
CA ARG A 52 4.84 -4.83 -2.09
C ARG A 52 6.20 -4.74 -1.40
N ARG A 53 6.20 -4.83 -0.07
CA ARG A 53 7.43 -4.76 0.70
C ARG A 53 8.36 -5.92 0.35
N ASN A 54 7.78 -6.99 -0.18
CA ASN A 54 8.56 -8.17 -0.56
C ASN A 54 9.32 -7.92 -1.85
N GLN A 55 8.61 -7.51 -2.89
CA GLN A 55 9.22 -7.24 -4.19
C GLN A 55 10.05 -5.97 -4.13
N GLU A 56 9.48 -4.91 -3.56
CA GLU A 56 10.16 -3.63 -3.45
C GLU A 56 11.66 -3.83 -3.23
N LYS A 57 12.45 -3.57 -4.25
CA LYS A 57 13.89 -3.73 -4.17
C LYS A 57 14.60 -2.37 -4.25
N PRO A 58 15.77 -2.26 -3.61
CA PRO A 58 16.56 -1.04 -3.59
C PRO A 58 17.16 -0.71 -4.95
N SER A 59 16.48 0.13 -5.71
CA SER A 59 16.95 0.52 -7.04
C SER A 59 17.43 1.97 -7.04
N GLY A 60 17.99 2.40 -8.18
CA GLY A 60 18.48 3.76 -8.29
C GLY A 60 17.88 4.49 -9.47
N PRO A 61 17.67 5.81 -9.31
CA PRO A 61 17.09 6.65 -10.36
C PRO A 61 18.04 6.84 -11.54
N SER A 62 17.67 6.26 -12.69
CA SER A 62 18.49 6.36 -13.89
C SER A 62 17.85 7.31 -14.90
N SER A 63 16.59 7.06 -15.23
CA SER A 63 15.87 7.88 -16.20
C SER A 63 15.15 9.03 -15.48
N GLY A 64 15.62 10.25 -15.71
CA GLY A 64 15.01 11.42 -15.09
C GLY A 64 14.55 12.44 -16.11
N GLY A 1 0.62 4.48 -11.51
CA GLY A 1 0.78 3.05 -11.35
C GLY A 1 -0.02 2.25 -12.36
N SER A 2 -1.32 2.53 -12.43
CA SER A 2 -2.21 1.83 -13.35
C SER A 2 -2.93 2.82 -14.27
N SER A 3 -3.30 3.97 -13.72
CA SER A 3 -3.99 5.00 -14.48
C SER A 3 -3.88 6.35 -13.80
N GLY A 4 -4.18 7.41 -14.55
CA GLY A 4 -4.10 8.75 -13.99
C GLY A 4 -5.33 9.58 -14.32
N SER A 5 -6.21 9.75 -13.34
CA SER A 5 -7.43 10.52 -13.54
C SER A 5 -7.81 11.26 -12.26
N SER A 6 -8.63 12.29 -12.41
CA SER A 6 -9.07 13.09 -11.27
C SER A 6 -9.62 12.20 -10.16
N GLY A 7 -9.31 12.55 -8.91
CA GLY A 7 -9.78 11.76 -7.79
C GLY A 7 -9.24 10.35 -7.79
N THR A 8 -8.04 10.18 -7.24
CA THR A 8 -7.40 8.87 -7.18
C THR A 8 -8.13 7.95 -6.21
N ALA A 9 -8.93 7.04 -6.75
CA ALA A 9 -9.68 6.10 -5.93
C ALA A 9 -9.35 4.66 -6.32
N GLN A 10 -8.28 4.49 -7.08
CA GLN A 10 -7.86 3.15 -7.51
C GLN A 10 -7.62 2.24 -6.32
N PRO A 11 -7.72 0.92 -6.55
CA PRO A 11 -7.51 -0.08 -5.50
C PRO A 11 -6.05 -0.17 -5.06
N ASN A 12 -5.14 0.02 -6.02
CA ASN A 12 -3.71 -0.05 -5.72
C ASN A 12 -3.15 1.35 -5.46
N ALA A 13 -3.42 2.28 -6.38
CA ALA A 13 -2.95 3.65 -6.24
C ALA A 13 -3.00 4.11 -4.80
N ILE A 14 -4.14 3.87 -4.15
CA ILE A 14 -4.31 4.26 -2.75
C ILE A 14 -3.40 3.47 -1.83
N LEU A 15 -3.49 2.15 -1.91
CA LEU A 15 -2.65 1.27 -1.09
C LEU A 15 -1.21 1.76 -1.07
N GLU A 16 -0.71 2.18 -2.23
CA GLU A 16 0.66 2.67 -2.35
C GLU A 16 0.83 4.00 -1.61
N LYS A 17 -0.26 4.77 -1.54
CA LYS A 17 -0.23 6.06 -0.86
C LYS A 17 0.09 5.88 0.63
N VAL A 18 -0.81 5.20 1.34
CA VAL A 18 -0.62 4.97 2.77
C VAL A 18 0.66 4.18 3.04
N PHE A 19 1.20 3.58 1.98
CA PHE A 19 2.43 2.80 2.10
C PHE A 19 3.62 3.69 2.47
N THR A 20 3.93 4.64 1.60
CA THR A 20 5.04 5.55 1.82
C THR A 20 4.57 6.84 2.48
N ALA A 21 3.35 7.26 2.13
CA ALA A 21 2.77 8.48 2.70
C ALA A 21 2.60 8.36 4.21
N ILE A 22 2.12 7.21 4.66
CA ILE A 22 1.91 6.97 6.09
C ILE A 22 2.96 6.02 6.64
N THR A 23 2.92 4.77 6.18
CA THR A 23 3.87 3.76 6.64
C THR A 23 3.73 2.48 5.84
N LYS A 24 4.80 1.68 5.81
CA LYS A 24 4.79 0.42 5.09
C LYS A 24 4.09 -0.67 5.89
N HIS A 25 4.05 -0.50 7.20
CA HIS A 25 3.40 -1.47 8.08
C HIS A 25 2.17 -0.86 8.75
N PRO A 26 1.05 -0.82 8.01
CA PRO A 26 -0.21 -0.27 8.51
C PRO A 26 -0.83 -1.14 9.60
N ASP A 27 -1.27 -0.51 10.68
CA ASP A 27 -1.89 -1.22 11.79
C ASP A 27 -3.22 -1.84 11.36
N GLU A 28 -3.75 -2.73 12.18
CA GLU A 28 -5.01 -3.40 11.89
C GLU A 28 -6.10 -2.38 11.60
N LYS A 29 -6.41 -1.55 12.58
CA LYS A 29 -7.43 -0.52 12.43
C LYS A 29 -7.22 0.28 11.14
N ARG A 30 -5.96 0.55 10.82
CA ARG A 30 -5.63 1.30 9.63
C ARG A 30 -6.14 0.59 8.37
N LEU A 31 -5.78 -0.68 8.22
CA LEU A 31 -6.20 -1.47 7.08
C LEU A 31 -7.71 -1.39 6.88
N GLU A 32 -8.45 -1.60 7.97
CA GLU A 32 -9.91 -1.55 7.93
C GLU A 32 -10.38 -0.40 7.04
N GLY A 33 -9.80 0.78 7.25
CA GLY A 33 -10.17 1.95 6.47
C GLY A 33 -10.17 1.67 4.98
N LEU A 34 -9.09 1.07 4.49
CA LEU A 34 -8.96 0.75 3.07
C LEU A 34 -10.03 -0.26 2.64
N SER A 35 -10.35 -1.18 3.54
CA SER A 35 -11.36 -2.20 3.25
C SER A 35 -12.53 -1.61 2.46
N LYS A 36 -12.88 -0.37 2.79
CA LYS A 36 -13.98 0.32 2.10
C LYS A 36 -13.61 0.63 0.66
N GLN A 37 -12.55 1.43 0.50
CA GLN A 37 -12.10 1.81 -0.84
C GLN A 37 -11.76 0.58 -1.67
N LEU A 38 -10.85 -0.25 -1.16
CA LEU A 38 -10.44 -1.46 -1.86
C LEU A 38 -11.58 -2.47 -1.93
N ASP A 39 -12.50 -2.38 -0.97
CA ASP A 39 -13.65 -3.28 -0.92
C ASP A 39 -13.22 -4.70 -0.62
N TRP A 40 -12.10 -4.83 0.10
CA TRP A 40 -11.57 -6.15 0.47
C TRP A 40 -11.63 -6.34 1.98
N ASP A 41 -11.31 -7.56 2.43
CA ASP A 41 -11.33 -7.88 3.85
C ASP A 41 -10.04 -7.41 4.52
N VAL A 42 -10.17 -6.94 5.76
CA VAL A 42 -9.02 -6.45 6.51
C VAL A 42 -7.79 -7.33 6.27
N ARG A 43 -8.03 -8.61 5.97
CA ARG A 43 -6.94 -9.55 5.72
C ARG A 43 -6.52 -9.51 4.26
N SER A 44 -7.50 -9.38 3.37
CA SER A 44 -7.23 -9.34 1.94
C SER A 44 -6.32 -8.16 1.60
N ILE A 45 -6.31 -7.15 2.46
CA ILE A 45 -5.49 -5.98 2.25
C ILE A 45 -4.01 -6.28 2.47
N GLN A 46 -3.69 -6.75 3.69
CA GLN A 46 -2.32 -7.08 4.03
C GLN A 46 -1.65 -7.85 2.90
N ARG A 47 -2.35 -8.82 2.34
CA ARG A 47 -1.82 -9.64 1.25
C ARG A 47 -1.07 -8.76 0.25
N TRP A 48 -1.59 -7.57 -0.01
CA TRP A 48 -0.98 -6.64 -0.95
C TRP A 48 0.31 -6.06 -0.37
N PHE A 49 0.17 -5.31 0.72
CA PHE A 49 1.31 -4.70 1.39
C PHE A 49 2.47 -5.67 1.50
N ARG A 50 2.16 -6.90 1.92
CA ARG A 50 3.18 -7.94 2.07
C ARG A 50 3.84 -8.26 0.73
N GLN A 51 3.06 -8.12 -0.35
CA GLN A 51 3.57 -8.40 -1.68
C GLN A 51 4.43 -7.26 -2.19
N ARG A 52 4.00 -6.03 -1.93
CA ARG A 52 4.74 -4.85 -2.36
C ARG A 52 5.95 -4.61 -1.47
N ARG A 53 5.84 -5.05 -0.21
CA ARG A 53 6.94 -4.87 0.75
C ARG A 53 8.14 -5.74 0.36
N ASN A 54 7.86 -6.93 -0.14
CA ASN A 54 8.93 -7.85 -0.55
C ASN A 54 9.72 -7.27 -1.71
N GLN A 55 9.04 -6.64 -2.65
CA GLN A 55 9.69 -6.04 -3.81
C GLN A 55 10.73 -5.02 -3.37
N GLU A 56 10.38 -4.20 -2.38
CA GLU A 56 11.28 -3.18 -1.87
C GLU A 56 12.66 -3.76 -1.59
N LYS A 57 13.59 -3.52 -2.50
CA LYS A 57 14.96 -4.02 -2.35
C LYS A 57 15.93 -2.89 -2.03
N PRO A 58 17.06 -3.24 -1.41
CA PRO A 58 18.08 -2.25 -1.04
C PRO A 58 18.81 -1.68 -2.25
N SER A 59 18.64 -2.34 -3.40
CA SER A 59 19.28 -1.90 -4.63
C SER A 59 19.04 -0.41 -4.88
N GLY A 60 20.07 0.29 -5.32
CA GLY A 60 19.95 1.71 -5.59
C GLY A 60 21.29 2.42 -5.58
N PRO A 61 21.64 2.98 -4.41
CA PRO A 61 22.91 3.69 -4.23
C PRO A 61 24.12 2.77 -4.27
N SER A 62 23.88 1.48 -4.06
CA SER A 62 24.95 0.49 -4.07
C SER A 62 25.82 0.62 -2.83
N SER A 63 25.18 0.71 -1.67
CA SER A 63 25.89 0.84 -0.40
C SER A 63 26.20 -0.53 0.20
N GLY A 64 27.41 -0.67 0.73
CA GLY A 64 27.80 -1.94 1.34
C GLY A 64 28.67 -2.77 0.41
N GLY A 1 7.70 16.12 -12.22
CA GLY A 1 6.86 15.49 -11.22
C GLY A 1 5.57 16.26 -10.97
N SER A 2 4.44 15.61 -11.20
CA SER A 2 3.14 16.25 -11.00
C SER A 2 3.15 17.13 -9.75
N SER A 3 3.65 16.58 -8.65
CA SER A 3 3.72 17.30 -7.39
C SER A 3 2.39 17.99 -7.10
N GLY A 4 1.30 17.29 -7.34
CA GLY A 4 -0.02 17.85 -7.10
C GLY A 4 -0.88 16.95 -6.23
N SER A 5 -2.11 17.37 -6.00
CA SER A 5 -3.04 16.60 -5.17
C SER A 5 -3.12 15.15 -5.66
N SER A 6 -3.47 14.25 -4.74
CA SER A 6 -3.58 12.83 -5.07
C SER A 6 -5.04 12.39 -5.12
N GLY A 7 -5.68 12.56 -6.26
CA GLY A 7 -7.06 12.17 -6.42
C GLY A 7 -7.23 10.89 -7.20
N THR A 8 -7.09 9.75 -6.51
CA THR A 8 -7.23 8.45 -7.15
C THR A 8 -7.95 7.46 -6.23
N ALA A 9 -8.99 6.83 -6.77
CA ALA A 9 -9.76 5.86 -6.01
C ALA A 9 -9.37 4.43 -6.38
N GLN A 10 -8.26 4.30 -7.09
CA GLN A 10 -7.78 2.98 -7.52
C GLN A 10 -7.52 2.09 -6.31
N PRO A 11 -7.62 0.77 -6.51
CA PRO A 11 -7.40 -0.21 -5.45
C PRO A 11 -5.93 -0.31 -5.05
N ASN A 12 -5.04 -0.23 -6.04
CA ASN A 12 -3.61 -0.31 -5.79
C ASN A 12 -3.05 1.07 -5.45
N ALA A 13 -3.43 2.07 -6.23
CA ALA A 13 -2.96 3.43 -6.01
C ALA A 13 -3.07 3.81 -4.53
N ILE A 14 -4.28 3.73 -4.00
CA ILE A 14 -4.52 4.07 -2.60
C ILE A 14 -3.60 3.28 -1.68
N LEU A 15 -3.44 2.00 -1.96
CA LEU A 15 -2.58 1.14 -1.16
C LEU A 15 -1.14 1.64 -1.18
N GLU A 16 -0.73 2.20 -2.31
CA GLU A 16 0.63 2.72 -2.47
C GLU A 16 0.79 4.04 -1.71
N LYS A 17 -0.33 4.71 -1.45
CA LYS A 17 -0.31 5.97 -0.73
C LYS A 17 -0.15 5.75 0.77
N VAL A 18 -0.91 4.81 1.31
CA VAL A 18 -0.85 4.50 2.73
C VAL A 18 0.44 3.76 3.07
N PHE A 19 1.20 3.40 2.05
CA PHE A 19 2.45 2.67 2.24
C PHE A 19 3.59 3.65 2.49
N THR A 20 3.53 4.80 1.85
CA THR A 20 4.57 5.82 2.01
C THR A 20 4.03 7.05 2.74
N ALA A 21 2.83 7.47 2.35
CA ALA A 21 2.20 8.64 2.97
C ALA A 21 1.94 8.40 4.45
N ILE A 22 1.76 7.13 4.82
CA ILE A 22 1.50 6.77 6.20
C ILE A 22 2.65 5.95 6.79
N THR A 23 2.82 4.73 6.27
CA THR A 23 3.88 3.85 6.74
C THR A 23 3.93 2.56 5.92
N LYS A 24 5.06 1.87 5.99
CA LYS A 24 5.24 0.63 5.24
C LYS A 24 4.55 -0.53 5.96
N HIS A 25 4.52 -0.47 7.28
CA HIS A 25 3.88 -1.52 8.07
C HIS A 25 2.61 -1.00 8.76
N PRO A 26 1.52 -0.95 7.99
CA PRO A 26 0.23 -0.47 8.49
C PRO A 26 -0.40 -1.42 9.49
N ASP A 27 -1.00 -0.86 10.54
CA ASP A 27 -1.63 -1.67 11.59
C ASP A 27 -3.06 -2.05 11.18
N GLU A 28 -3.69 -2.89 11.99
CA GLU A 28 -5.05 -3.34 11.72
C GLU A 28 -5.97 -2.14 11.44
N LYS A 29 -6.11 -1.27 12.43
CA LYS A 29 -6.95 -0.09 12.30
C LYS A 29 -6.75 0.58 10.94
N ARG A 30 -5.48 0.74 10.56
CA ARG A 30 -5.14 1.37 9.29
C ARG A 30 -5.88 0.69 8.13
N LEU A 31 -5.64 -0.61 7.97
CA LEU A 31 -6.28 -1.38 6.91
C LEU A 31 -7.80 -1.22 6.96
N GLU A 32 -8.37 -1.42 8.15
CA GLU A 32 -9.82 -1.30 8.32
C GLU A 32 -10.38 -0.19 7.43
N GLY A 33 -9.61 0.89 7.28
CA GLY A 33 -10.05 1.99 6.46
C GLY A 33 -10.08 1.65 4.98
N LEU A 34 -9.00 1.03 4.51
CA LEU A 34 -8.91 0.65 3.10
C LEU A 34 -10.05 -0.29 2.71
N SER A 35 -10.39 -1.21 3.61
CA SER A 35 -11.46 -2.17 3.36
C SER A 35 -12.59 -1.52 2.57
N LYS A 36 -12.80 -0.22 2.79
CA LYS A 36 -13.85 0.51 2.10
C LYS A 36 -13.44 0.80 0.66
N GLN A 37 -12.41 1.62 0.49
CA GLN A 37 -11.93 1.98 -0.84
C GLN A 37 -11.64 0.73 -1.68
N LEU A 38 -10.77 -0.12 -1.17
CA LEU A 38 -10.41 -1.35 -1.87
C LEU A 38 -11.60 -2.29 -1.95
N ASP A 39 -12.52 -2.16 -1.00
CA ASP A 39 -13.71 -3.01 -0.96
C ASP A 39 -13.33 -4.47 -0.73
N TRP A 40 -12.29 -4.69 0.06
CA TRP A 40 -11.83 -6.04 0.35
C TRP A 40 -11.89 -6.32 1.85
N ASP A 41 -11.41 -7.50 2.25
CA ASP A 41 -11.40 -7.88 3.66
C ASP A 41 -10.11 -7.46 4.33
N VAL A 42 -10.19 -7.12 5.62
CA VAL A 42 -9.03 -6.70 6.38
C VAL A 42 -7.84 -7.61 6.12
N ARG A 43 -8.12 -8.83 5.66
CA ARG A 43 -7.07 -9.79 5.36
C ARG A 43 -6.61 -9.68 3.91
N SER A 44 -7.57 -9.47 3.01
CA SER A 44 -7.26 -9.34 1.59
C SER A 44 -6.32 -8.17 1.34
N ILE A 45 -6.44 -7.13 2.16
CA ILE A 45 -5.60 -5.96 2.03
C ILE A 45 -4.14 -6.28 2.31
N GLN A 46 -3.86 -6.74 3.53
CA GLN A 46 -2.51 -7.09 3.94
C GLN A 46 -1.76 -7.76 2.78
N ARG A 47 -2.42 -8.71 2.13
CA ARG A 47 -1.82 -9.43 1.01
C ARG A 47 -1.06 -8.48 0.10
N TRP A 48 -1.68 -7.34 -0.23
CA TRP A 48 -1.06 -6.35 -1.09
C TRP A 48 0.17 -5.74 -0.42
N PHE A 49 0.06 -5.46 0.86
CA PHE A 49 1.15 -4.87 1.62
C PHE A 49 2.32 -5.84 1.74
N ARG A 50 2.06 -6.99 2.38
CA ARG A 50 3.09 -8.01 2.56
C ARG A 50 3.83 -8.27 1.26
N GLN A 51 3.11 -8.19 0.15
CA GLN A 51 3.71 -8.42 -1.17
C GLN A 51 4.61 -7.25 -1.57
N ARG A 52 4.05 -6.05 -1.54
CA ARG A 52 4.79 -4.85 -1.89
C ARG A 52 6.14 -4.81 -1.17
N ARG A 53 6.11 -4.98 0.14
CA ARG A 53 7.33 -4.96 0.95
C ARG A 53 8.44 -5.76 0.27
N ASN A 54 8.09 -6.92 -0.26
CA ASN A 54 9.06 -7.77 -0.94
C ASN A 54 9.64 -7.07 -2.15
N GLN A 55 8.79 -6.41 -2.92
CA GLN A 55 9.23 -5.69 -4.11
C GLN A 55 10.17 -4.56 -3.76
N GLU A 56 9.78 -3.75 -2.78
CA GLU A 56 10.59 -2.63 -2.33
C GLU A 56 11.70 -3.10 -1.39
N LYS A 57 12.94 -3.02 -1.86
CA LYS A 57 14.09 -3.44 -1.05
C LYS A 57 14.80 -2.23 -0.46
N PRO A 58 15.18 -2.33 0.82
CA PRO A 58 15.87 -1.25 1.53
C PRO A 58 17.30 -1.07 1.04
N SER A 59 17.47 -0.17 0.07
CA SER A 59 18.79 0.10 -0.50
C SER A 59 19.47 1.26 0.23
N GLY A 60 20.42 0.94 1.11
CA GLY A 60 21.12 1.96 1.85
C GLY A 60 22.23 1.39 2.71
N PRO A 61 23.32 2.16 2.87
CA PRO A 61 24.48 1.74 3.66
C PRO A 61 24.17 1.70 5.15
N SER A 62 24.20 0.51 5.73
CA SER A 62 23.91 0.33 7.15
C SER A 62 24.47 -1.00 7.66
N SER A 63 25.05 -0.98 8.85
CA SER A 63 25.62 -2.18 9.45
C SER A 63 24.54 -3.23 9.69
N GLY A 64 23.55 -2.87 10.49
CA GLY A 64 22.47 -3.79 10.80
C GLY A 64 21.70 -3.40 12.06
N GLY A 1 1.95 7.05 -8.87
CA GLY A 1 3.07 7.77 -9.46
C GLY A 1 4.23 7.94 -8.48
N SER A 2 5.17 7.00 -8.53
CA SER A 2 6.33 7.05 -7.64
C SER A 2 6.96 8.44 -7.64
N SER A 3 7.30 8.92 -8.82
CA SER A 3 7.91 10.24 -8.96
C SER A 3 6.92 11.35 -8.63
N GLY A 4 5.76 11.30 -9.27
CA GLY A 4 4.74 12.30 -9.03
C GLY A 4 3.33 11.74 -9.14
N SER A 5 2.44 12.16 -8.24
CA SER A 5 1.07 11.69 -8.23
C SER A 5 0.12 12.77 -7.71
N SER A 6 -1.13 12.69 -8.13
CA SER A 6 -2.14 13.66 -7.71
C SER A 6 -3.12 13.04 -6.71
N GLY A 7 -3.67 11.89 -7.07
CA GLY A 7 -4.61 11.21 -6.19
C GLY A 7 -5.63 10.40 -6.96
N THR A 8 -5.89 9.18 -6.50
CA THR A 8 -6.85 8.31 -7.16
C THR A 8 -7.48 7.34 -6.15
N ALA A 9 -8.73 6.97 -6.42
CA ALA A 9 -9.45 6.05 -5.54
C ALA A 9 -9.20 4.60 -5.95
N GLN A 10 -8.24 4.39 -6.83
CA GLN A 10 -7.92 3.05 -7.31
C GLN A 10 -7.54 2.14 -6.14
N PRO A 11 -7.62 0.82 -6.37
CA PRO A 11 -7.29 -0.19 -5.36
C PRO A 11 -5.80 -0.23 -5.04
N ASN A 12 -4.98 0.07 -6.03
CA ASN A 12 -3.54 0.06 -5.86
C ASN A 12 -3.01 1.47 -5.60
N ALA A 13 -3.59 2.45 -6.29
CA ALA A 13 -3.19 3.84 -6.13
C ALA A 13 -3.20 4.25 -4.66
N ILE A 14 -4.33 4.00 -3.99
CA ILE A 14 -4.46 4.35 -2.58
C ILE A 14 -3.43 3.61 -1.74
N LEU A 15 -3.45 2.29 -1.83
CA LEU A 15 -2.52 1.45 -1.07
C LEU A 15 -1.08 1.94 -1.25
N GLU A 16 -0.79 2.45 -2.44
CA GLU A 16 0.55 2.96 -2.74
C GLU A 16 0.87 4.19 -1.91
N LYS A 17 -0.16 4.91 -1.51
CA LYS A 17 0.01 6.11 -0.70
C LYS A 17 0.12 5.77 0.78
N VAL A 18 -0.80 4.94 1.26
CA VAL A 18 -0.81 4.53 2.66
C VAL A 18 0.39 3.63 2.97
N PHE A 19 1.12 3.25 1.94
CA PHE A 19 2.29 2.40 2.09
C PHE A 19 3.54 3.23 2.37
N THR A 20 3.74 4.27 1.57
CA THR A 20 4.89 5.15 1.73
C THR A 20 4.47 6.52 2.24
N ALA A 21 3.40 7.06 1.67
CA ALA A 21 2.90 8.37 2.06
C ALA A 21 2.45 8.36 3.52
N ILE A 22 2.11 7.18 4.02
CA ILE A 22 1.66 7.04 5.41
C ILE A 22 2.60 6.15 6.21
N THR A 23 2.63 4.87 5.87
CA THR A 23 3.49 3.91 6.56
C THR A 23 3.53 2.57 5.83
N LYS A 24 4.71 1.97 5.77
CA LYS A 24 4.88 0.68 5.10
C LYS A 24 4.23 -0.43 5.91
N HIS A 25 4.29 -0.32 7.24
CA HIS A 25 3.72 -1.32 8.12
C HIS A 25 2.56 -0.73 8.93
N PRO A 26 1.38 -0.69 8.31
CA PRO A 26 0.18 -0.15 8.96
C PRO A 26 -0.34 -1.05 10.07
N ASP A 27 -1.32 -0.57 10.81
CA ASP A 27 -1.90 -1.32 11.92
C ASP A 27 -3.20 -2.00 11.49
N GLU A 28 -3.76 -2.83 12.38
CA GLU A 28 -5.00 -3.53 12.09
C GLU A 28 -6.11 -2.56 11.75
N LYS A 29 -6.14 -1.42 12.45
CA LYS A 29 -7.16 -0.41 12.23
C LYS A 29 -7.00 0.23 10.85
N ARG A 30 -5.78 0.66 10.55
CA ARG A 30 -5.49 1.30 9.26
C ARG A 30 -6.20 0.56 8.13
N LEU A 31 -5.90 -0.73 7.98
CA LEU A 31 -6.50 -1.55 6.94
C LEU A 31 -8.02 -1.36 6.92
N GLU A 32 -8.65 -1.58 8.06
CA GLU A 32 -10.10 -1.43 8.16
C GLU A 32 -10.61 -0.30 7.26
N GLY A 33 -9.90 0.82 7.29
CA GLY A 33 -10.28 1.96 6.48
C GLY A 33 -10.17 1.67 4.99
N LEU A 34 -9.10 1.01 4.60
CA LEU A 34 -8.87 0.68 3.21
C LEU A 34 -9.91 -0.32 2.71
N SER A 35 -10.28 -1.26 3.57
CA SER A 35 -11.28 -2.27 3.22
C SER A 35 -12.41 -1.66 2.40
N LYS A 36 -12.73 -0.41 2.68
CA LYS A 36 -13.80 0.29 1.97
C LYS A 36 -13.36 0.63 0.55
N GLN A 37 -12.35 1.48 0.44
CA GLN A 37 -11.84 1.89 -0.87
C GLN A 37 -11.47 0.67 -1.72
N LEU A 38 -10.65 -0.20 -1.17
CA LEU A 38 -10.22 -1.41 -1.86
C LEU A 38 -11.39 -2.38 -2.03
N ASP A 39 -12.31 -2.36 -1.08
CA ASP A 39 -13.48 -3.24 -1.12
C ASP A 39 -13.07 -4.68 -0.83
N TRP A 40 -12.01 -4.85 -0.07
CA TRP A 40 -11.52 -6.19 0.27
C TRP A 40 -11.63 -6.43 1.77
N ASP A 41 -11.25 -7.63 2.20
CA ASP A 41 -11.30 -8.00 3.61
C ASP A 41 -10.07 -7.50 4.35
N VAL A 42 -10.27 -7.04 5.58
CA VAL A 42 -9.16 -6.53 6.39
C VAL A 42 -7.90 -7.35 6.18
N ARG A 43 -8.08 -8.65 5.93
CA ARG A 43 -6.96 -9.55 5.72
C ARG A 43 -6.51 -9.51 4.26
N SER A 44 -7.47 -9.50 3.35
CA SER A 44 -7.17 -9.46 1.91
C SER A 44 -6.27 -8.27 1.58
N ILE A 45 -6.36 -7.22 2.39
CA ILE A 45 -5.57 -6.02 2.17
C ILE A 45 -4.09 -6.29 2.47
N GLN A 46 -3.80 -6.67 3.70
CA GLN A 46 -2.43 -6.96 4.11
C GLN A 46 -1.68 -7.72 3.01
N ARG A 47 -2.37 -8.68 2.39
CA ARG A 47 -1.78 -9.49 1.34
C ARG A 47 -1.04 -8.60 0.33
N TRP A 48 -1.67 -7.48 -0.02
CA TRP A 48 -1.08 -6.55 -0.98
C TRP A 48 0.12 -5.83 -0.37
N PHE A 49 0.03 -5.51 0.91
CA PHE A 49 1.11 -4.82 1.61
C PHE A 49 2.35 -5.70 1.70
N ARG A 50 2.21 -6.83 2.37
CA ARG A 50 3.32 -7.77 2.53
C ARG A 50 4.00 -8.04 1.19
N GLN A 51 3.20 -8.08 0.12
CA GLN A 51 3.73 -8.33 -1.21
C GLN A 51 4.48 -7.12 -1.74
N ARG A 52 3.91 -5.93 -1.52
CA ARG A 52 4.53 -4.70 -1.98
C ARG A 52 5.93 -4.54 -1.40
N ARG A 53 6.08 -4.86 -0.11
CA ARG A 53 7.36 -4.76 0.55
C ARG A 53 8.41 -5.64 -0.12
N ASN A 54 8.10 -6.93 -0.22
CA ASN A 54 9.00 -7.88 -0.84
C ASN A 54 9.69 -7.27 -2.06
N GLN A 55 8.88 -6.68 -2.95
CA GLN A 55 9.41 -6.05 -4.16
C GLN A 55 10.51 -5.05 -3.82
N GLU A 56 10.29 -4.27 -2.76
CA GLU A 56 11.27 -3.29 -2.33
C GLU A 56 12.11 -3.81 -1.17
N LYS A 57 12.97 -2.95 -0.63
CA LYS A 57 13.83 -3.32 0.48
C LYS A 57 13.02 -3.93 1.63
N PRO A 58 13.57 -4.97 2.26
CA PRO A 58 12.91 -5.65 3.37
C PRO A 58 12.87 -4.79 4.63
N SER A 59 12.43 -5.39 5.74
CA SER A 59 12.33 -4.68 7.00
C SER A 59 13.01 -5.46 8.12
N GLY A 60 14.25 -5.08 8.42
CA GLY A 60 14.99 -5.76 9.47
C GLY A 60 16.46 -5.38 9.49
N PRO A 61 17.30 -6.24 10.07
CA PRO A 61 18.74 -6.00 10.16
C PRO A 61 19.43 -6.11 8.81
N SER A 62 18.79 -6.82 7.87
CA SER A 62 19.35 -6.99 6.54
C SER A 62 19.90 -5.69 6.00
N SER A 63 21.04 -5.77 5.31
CA SER A 63 21.67 -4.59 4.74
C SER A 63 20.65 -3.65 4.13
N GLY A 64 20.81 -2.36 4.35
CA GLY A 64 19.90 -1.38 3.80
C GLY A 64 20.60 -0.18 3.21
N GLY A 1 10.16 4.15 -12.02
CA GLY A 1 8.90 3.54 -12.40
C GLY A 1 7.75 3.99 -11.53
N SER A 2 7.00 3.03 -10.98
CA SER A 2 5.86 3.34 -10.13
C SER A 2 5.16 4.61 -10.61
N SER A 3 4.98 4.72 -11.93
CA SER A 3 4.33 5.88 -12.52
C SER A 3 3.85 5.57 -13.93
N GLY A 4 2.55 5.74 -14.16
CA GLY A 4 1.97 5.47 -15.46
C GLY A 4 0.47 5.27 -15.41
N SER A 5 0.04 4.30 -14.60
CA SER A 5 -1.38 4.01 -14.47
C SER A 5 -1.82 4.08 -13.00
N SER A 6 -2.20 5.29 -12.58
CA SER A 6 -2.64 5.50 -11.21
C SER A 6 -3.79 6.50 -11.15
N GLY A 7 -4.69 6.29 -10.19
CA GLY A 7 -5.83 7.18 -10.05
C GLY A 7 -5.89 7.84 -8.68
N THR A 8 -7.10 8.13 -8.22
CA THR A 8 -7.29 8.76 -6.92
C THR A 8 -7.95 7.81 -5.93
N ALA A 9 -8.98 7.11 -6.39
CA ALA A 9 -9.69 6.15 -5.55
C ALA A 9 -9.41 4.72 -5.98
N GLN A 10 -8.38 4.54 -6.81
CA GLN A 10 -8.00 3.23 -7.29
C GLN A 10 -7.69 2.28 -6.13
N PRO A 11 -7.83 0.97 -6.37
CA PRO A 11 -7.56 -0.05 -5.36
C PRO A 11 -6.08 -0.17 -5.03
N ASN A 12 -5.23 0.11 -6.00
CA ASN A 12 -3.79 0.04 -5.81
C ASN A 12 -3.21 1.41 -5.45
N ALA A 13 -3.62 2.43 -6.21
CA ALA A 13 -3.14 3.79 -5.98
C ALA A 13 -3.17 4.13 -4.50
N ILE A 14 -4.35 4.06 -3.90
CA ILE A 14 -4.51 4.36 -2.48
C ILE A 14 -3.48 3.61 -1.64
N LEU A 15 -3.52 2.28 -1.71
CA LEU A 15 -2.59 1.44 -0.97
C LEU A 15 -1.17 1.99 -1.06
N GLU A 16 -0.81 2.47 -2.25
CA GLU A 16 0.53 3.02 -2.47
C GLU A 16 0.79 4.21 -1.55
N LYS A 17 -0.25 4.99 -1.29
CA LYS A 17 -0.13 6.16 -0.41
C LYS A 17 0.09 5.73 1.03
N VAL A 18 -0.80 4.90 1.55
CA VAL A 18 -0.70 4.41 2.92
C VAL A 18 0.57 3.60 3.12
N PHE A 19 1.27 3.32 2.03
CA PHE A 19 2.50 2.55 2.08
C PHE A 19 3.69 3.45 2.43
N THR A 20 3.96 4.42 1.57
CA THR A 20 5.06 5.35 1.78
C THR A 20 4.58 6.66 2.36
N ALA A 21 3.45 7.14 1.87
CA ALA A 21 2.86 8.39 2.34
C ALA A 21 2.50 8.30 3.82
N ILE A 22 2.17 7.10 4.26
CA ILE A 22 1.80 6.87 5.66
C ILE A 22 2.81 5.98 6.37
N THR A 23 2.85 4.71 5.97
CA THR A 23 3.77 3.75 6.55
C THR A 23 3.77 2.43 5.79
N LYS A 24 4.93 1.79 5.72
CA LYS A 24 5.06 0.52 5.01
C LYS A 24 4.33 -0.60 5.77
N HIS A 25 4.32 -0.51 7.09
CA HIS A 25 3.67 -1.50 7.92
C HIS A 25 2.44 -0.90 8.61
N PRO A 26 1.32 -0.83 7.88
CA PRO A 26 0.06 -0.28 8.40
C PRO A 26 -0.57 -1.19 9.45
N ASP A 27 -1.14 -0.58 10.48
CA ASP A 27 -1.78 -1.34 11.56
C ASP A 27 -3.13 -1.89 11.10
N GLU A 28 -3.72 -2.74 11.92
CA GLU A 28 -5.02 -3.35 11.60
C GLU A 28 -6.06 -2.27 11.34
N LYS A 29 -6.18 -1.33 12.28
CA LYS A 29 -7.15 -0.25 12.15
C LYS A 29 -6.96 0.50 10.83
N ARG A 30 -5.70 0.74 10.48
CA ARG A 30 -5.39 1.45 9.24
C ARG A 30 -6.02 0.76 8.04
N LEU A 31 -5.67 -0.51 7.85
CA LEU A 31 -6.19 -1.29 6.74
C LEU A 31 -7.72 -1.19 6.68
N GLU A 32 -8.36 -1.30 7.84
CA GLU A 32 -9.81 -1.22 7.92
C GLU A 32 -10.35 -0.17 6.95
N GLY A 33 -9.95 1.07 7.16
CA GLY A 33 -10.41 2.16 6.30
C GLY A 33 -10.39 1.77 4.83
N LEU A 34 -9.31 1.11 4.41
CA LEU A 34 -9.18 0.69 3.02
C LEU A 34 -10.24 -0.35 2.66
N SER A 35 -10.53 -1.24 3.60
CA SER A 35 -11.52 -2.28 3.38
C SER A 35 -12.71 -1.75 2.58
N LYS A 36 -13.01 -0.47 2.76
CA LYS A 36 -14.12 0.16 2.05
C LYS A 36 -13.71 0.52 0.63
N GLN A 37 -12.65 1.29 0.50
CA GLN A 37 -12.17 1.71 -0.81
C GLN A 37 -11.82 0.50 -1.68
N LEU A 38 -10.99 -0.38 -1.14
CA LEU A 38 -10.58 -1.59 -1.86
C LEU A 38 -11.72 -2.59 -1.94
N ASP A 39 -12.58 -2.58 -0.92
CA ASP A 39 -13.72 -3.49 -0.87
C ASP A 39 -13.27 -4.90 -0.55
N TRP A 40 -12.14 -5.02 0.14
CA TRP A 40 -11.60 -6.33 0.50
C TRP A 40 -11.59 -6.50 2.01
N ASP A 41 -11.36 -7.73 2.47
CA ASP A 41 -11.32 -8.04 3.89
C ASP A 41 -10.04 -7.49 4.52
N VAL A 42 -10.14 -7.06 5.77
CA VAL A 42 -8.99 -6.52 6.49
C VAL A 42 -7.75 -7.38 6.26
N ARG A 43 -7.96 -8.67 6.04
CA ARG A 43 -6.86 -9.60 5.81
C ARG A 43 -6.49 -9.62 4.32
N SER A 44 -7.47 -9.42 3.46
CA SER A 44 -7.24 -9.42 2.02
C SER A 44 -6.30 -8.29 1.62
N ILE A 45 -6.29 -7.22 2.41
CA ILE A 45 -5.44 -6.07 2.14
C ILE A 45 -3.98 -6.40 2.43
N GLN A 46 -3.71 -6.86 3.64
CA GLN A 46 -2.35 -7.20 4.04
C GLN A 46 -1.63 -7.96 2.92
N ARG A 47 -2.35 -8.87 2.27
CA ARG A 47 -1.78 -9.66 1.19
C ARG A 47 -1.05 -8.77 0.19
N TRP A 48 -1.66 -7.64 -0.15
CA TRP A 48 -1.07 -6.70 -1.09
C TRP A 48 0.15 -6.01 -0.49
N PHE A 49 0.00 -5.52 0.74
CA PHE A 49 1.09 -4.84 1.43
C PHE A 49 2.33 -5.74 1.51
N ARG A 50 2.15 -6.92 2.09
CA ARG A 50 3.26 -7.87 2.22
C ARG A 50 3.91 -8.15 0.87
N GLN A 51 3.09 -8.13 -0.19
CA GLN A 51 3.60 -8.38 -1.54
C GLN A 51 4.49 -7.23 -2.01
N ARG A 52 4.10 -6.01 -1.66
CA ARG A 52 4.85 -4.83 -2.05
C ARG A 52 6.21 -4.79 -1.33
N ARG A 53 6.17 -4.90 0.00
CA ARG A 53 7.39 -4.88 0.80
C ARG A 53 8.46 -5.78 0.19
N ASN A 54 8.07 -7.02 -0.13
CA ASN A 54 9.00 -7.97 -0.70
C ASN A 54 9.82 -7.34 -1.82
N GLN A 55 9.13 -6.72 -2.77
CA GLN A 55 9.81 -6.06 -3.89
C GLN A 55 10.80 -5.02 -3.40
N GLU A 56 10.40 -4.24 -2.40
CA GLU A 56 11.27 -3.21 -1.84
C GLU A 56 12.71 -3.70 -1.75
N LYS A 57 13.55 -3.22 -2.66
CA LYS A 57 14.95 -3.62 -2.68
C LYS A 57 15.85 -2.45 -2.26
N PRO A 58 16.89 -2.76 -1.47
CA PRO A 58 17.84 -1.76 -0.98
C PRO A 58 18.71 -1.20 -2.10
N SER A 59 18.85 0.12 -2.14
CA SER A 59 19.65 0.78 -3.16
C SER A 59 21.03 0.12 -3.27
N GLY A 60 21.60 0.13 -4.48
CA GLY A 60 22.91 -0.46 -4.69
C GLY A 60 23.75 0.34 -5.66
N PRO A 61 24.79 -0.31 -6.21
CA PRO A 61 25.70 0.33 -7.17
C PRO A 61 25.03 0.60 -8.51
N SER A 62 24.54 1.82 -8.68
CA SER A 62 23.87 2.22 -9.91
C SER A 62 24.81 2.05 -11.11
N SER A 63 24.45 1.17 -12.03
CA SER A 63 25.26 0.93 -13.22
C SER A 63 25.14 2.08 -14.21
N GLY A 64 26.27 2.69 -14.53
CA GLY A 64 26.28 3.80 -15.47
C GLY A 64 26.68 3.39 -16.87
#